data_1WRA
#
_entry.id   1WRA
#
_cell.length_a   98.302
_cell.length_b   98.302
_cell.length_c   172.600
_cell.angle_alpha   90.00
_cell.angle_beta   90.00
_cell.angle_gamma   90.00
#
_symmetry.space_group_name_H-M   'P 41 21 2'
#
loop_
_entity.id
_entity.type
_entity.pdbx_description
1 polymer 'Teichoic acid phosphorylcholine esterase/choline binding protein E (cbpE)'
2 non-polymer 'FE (III) ION'
3 non-polymer 'CALCIUM ION'
4 non-polymer PHOSPHOCHOLINE
5 non-polymer (4S)-2-METHYL-2,4-PENTANEDIOL
6 water water
#
_entity_poly.entity_id   1
_entity_poly.type   'polypeptide(L)'
_entity_poly.pdbx_seq_one_letter_code
;ESSGNKIHFINVQEGGSDAIILESNGHFAMVDTGEDYDFPDGSDSRYPWREGIETSYKHVLTDRVFRRLKELSVQKLDFI
LVTHTHSDHIGNVDELLSTYPVDRVYLKKYSDSRITNSERLWDNLYGYDKVLQTATETGVSVIQNITQGDAHFQFGDMDI
QLYNYENETDSSGELKKIWDDNSNSLISVVKVNGKKIYLGGDLDNVHGAEDKYGPLIGKVDLMKFNHHHDTNKSNTKDFI
KNLSPSLIVQTSDSLPWKNGVDSEYVNWLKERGIERINAASKDYDATVFDIRKDGFVNISTSYKPIPS
;
_entity_poly.pdbx_strand_id   A,B
#
loop_
_chem_comp.id
_chem_comp.type
_chem_comp.name
_chem_comp.formula
CA non-polymer 'CALCIUM ION' 'Ca 2'
FE non-polymer 'FE (III) ION' 'Fe 3'
MPD non-polymer (4S)-2-METHYL-2,4-PENTANEDIOL 'C6 H14 O2'
PC non-polymer PHOSPHOCHOLINE 'C5 H15 N O4 P 1'
#
# COMPACT_ATOMS: atom_id res chain seq x y z
N GLY A 4 -40.26 12.00 1.82
CA GLY A 4 -39.02 12.84 2.00
C GLY A 4 -38.85 13.05 3.47
N ASN A 5 -37.64 12.88 4.00
CA ASN A 5 -36.40 12.70 3.23
C ASN A 5 -35.68 11.47 3.75
N LYS A 6 -35.44 10.51 2.86
CA LYS A 6 -34.93 9.21 3.28
C LYS A 6 -33.84 8.73 2.29
N ILE A 7 -32.93 7.90 2.81
CA ILE A 7 -31.93 7.21 2.00
C ILE A 7 -32.04 5.72 2.31
N HIS A 8 -32.24 4.94 1.25
CA HIS A 8 -32.30 3.50 1.35
C HIS A 8 -31.00 2.87 0.79
N PHE A 9 -30.19 2.24 1.62
CA PHE A 9 -29.03 1.49 1.12
C PHE A 9 -29.52 0.03 0.92
N ILE A 10 -29.61 -0.43 -0.33
CA ILE A 10 -30.04 -1.80 -0.58
C ILE A 10 -29.03 -2.69 0.12
N ASN A 11 -29.51 -3.66 0.90
CA ASN A 11 -28.64 -4.55 1.64
C ASN A 11 -28.12 -5.66 0.74
N VAL A 12 -26.85 -5.99 0.87
CA VAL A 12 -26.34 -7.20 0.21
C VAL A 12 -26.76 -8.42 0.98
N GLN A 13 -26.80 -9.57 0.30
CA GLN A 13 -26.88 -10.88 0.94
C GLN A 13 -25.48 -11.22 1.41
N GLU A 14 -24.54 -11.11 0.49
CA GLU A 14 -23.14 -11.48 0.69
C GLU A 14 -22.30 -10.61 -0.23
N GLY A 15 -21.06 -10.31 0.17
CA GLY A 15 -20.11 -9.58 -0.66
C GLY A 15 -20.34 -8.08 -0.59
N GLY A 16 -19.96 -7.37 -1.66
CA GLY A 16 -20.05 -5.92 -1.71
C GLY A 16 -20.66 -5.43 -3.02
N SER A 17 -21.63 -4.52 -2.93
CA SER A 17 -22.34 -3.99 -4.07
C SER A 17 -23.12 -2.76 -3.61
N ASP A 18 -23.23 -1.75 -4.47
CA ASP A 18 -23.89 -0.51 -4.10
C ASP A 18 -25.16 -0.34 -4.94
N ALA A 19 -26.29 -0.15 -4.28
CA ALA A 19 -27.51 0.37 -4.90
C ALA A 19 -28.21 1.23 -3.85
N ILE A 20 -28.46 2.48 -4.17
CA ILE A 20 -28.94 3.42 -3.17
C ILE A 20 -30.11 4.18 -3.72
N ILE A 21 -31.22 4.15 -2.99
CA ILE A 21 -32.30 4.96 -3.44
C ILE A 21 -32.49 6.20 -2.54
N LEU A 22 -32.51 7.38 -3.17
CA LEU A 22 -32.79 8.62 -2.48
C LEU A 22 -34.27 8.94 -2.68
N GLU A 23 -34.91 9.36 -1.61
CA GLU A 23 -36.33 9.69 -1.60
C GLU A 23 -36.50 11.10 -1.02
N SER A 24 -37.08 12.03 -1.77
CA SER A 24 -37.29 13.41 -1.30
C SER A 24 -38.59 14.02 -1.82
N ASN A 25 -39.46 14.33 -0.85
CA ASN A 25 -40.73 15.03 -1.03
C ASN A 25 -41.74 14.10 -1.65
N GLY A 26 -41.65 13.81 -2.92
CA GLY A 26 -42.22 12.56 -3.42
C GLY A 26 -41.44 12.06 -4.62
N HIS A 27 -40.18 12.53 -4.72
CA HIS A 27 -39.28 12.23 -5.82
C HIS A 27 -38.36 11.05 -5.45
N PHE A 28 -37.93 10.30 -6.45
CA PHE A 28 -37.08 9.15 -6.22
C PHE A 28 -35.92 9.22 -7.19
N ALA A 29 -34.74 8.81 -6.71
CA ALA A 29 -33.54 8.74 -7.56
C ALA A 29 -32.64 7.63 -7.08
N MET A 30 -31.67 7.24 -7.90
CA MET A 30 -30.71 6.20 -7.48
C MET A 30 -29.28 6.66 -7.64
N VAL A 31 -28.47 6.33 -6.65
CA VAL A 31 -27.02 6.38 -6.76
C VAL A 31 -26.54 4.96 -6.77
N ASP A 32 -26.05 4.57 -7.94
CA ASP A 32 -25.75 3.19 -8.31
C ASP A 32 -27.01 2.29 -8.27
N THR A 33 -26.86 1.05 -8.72
CA THR A 33 -28.02 0.15 -9.01
C THR A 33 -27.81 -1.29 -8.67
N GLY A 34 -26.61 -1.63 -8.22
CA GLY A 34 -26.32 -2.96 -7.75
C GLY A 34 -25.97 -3.93 -8.85
N GLU A 35 -25.44 -5.08 -8.44
CA GLU A 35 -25.06 -6.18 -9.30
C GLU A 35 -26.32 -6.83 -9.88
N ASP A 36 -26.23 -7.26 -11.14
CA ASP A 36 -27.32 -7.88 -11.89
C ASP A 36 -27.03 -9.34 -12.26
N TYR A 37 -28.09 -10.11 -12.54
CA TYR A 37 -27.97 -11.50 -13.01
C TYR A 37 -27.11 -11.66 -14.27
N ASP A 38 -27.29 -10.75 -15.20
CA ASP A 38 -26.65 -10.88 -16.52
C ASP A 38 -25.12 -10.64 -16.40
N PHE A 39 -24.39 -11.17 -17.38
CA PHE A 39 -22.96 -10.96 -17.54
C PHE A 39 -22.61 -11.52 -18.90
N PRO A 40 -21.54 -11.05 -19.50
CA PRO A 40 -21.16 -11.61 -20.80
C PRO A 40 -20.46 -12.96 -20.64
N ASP A 41 -20.71 -13.89 -21.56
CA ASP A 41 -20.02 -15.19 -21.53
C ASP A 41 -18.86 -15.35 -22.53
N GLY A 42 -18.59 -14.33 -23.32
CA GLY A 42 -17.57 -14.45 -24.35
C GLY A 42 -18.08 -14.90 -25.71
N SER A 43 -19.37 -15.09 -25.87
CA SER A 43 -19.92 -15.43 -27.18
C SER A 43 -19.86 -14.21 -28.12
N ASP A 44 -19.81 -13.01 -27.54
CA ASP A 44 -19.53 -11.80 -28.29
C ASP A 44 -18.08 -11.34 -27.93
N SER A 45 -17.14 -11.46 -28.88
CA SER A 45 -15.72 -11.17 -28.64
C SER A 45 -15.41 -9.72 -28.28
N ARG A 46 -16.39 -8.82 -28.43
CA ARG A 46 -16.27 -7.47 -27.91
C ARG A 46 -16.21 -7.48 -26.39
N TYR A 47 -16.82 -8.51 -25.82
CA TYR A 47 -16.96 -8.66 -24.39
C TYR A 47 -16.50 -10.06 -24.02
N PRO A 48 -15.21 -10.32 -24.09
CA PRO A 48 -14.73 -11.67 -23.93
C PRO A 48 -14.84 -12.12 -22.48
N TRP A 49 -14.82 -13.43 -22.26
CA TRP A 49 -14.73 -13.95 -20.91
C TRP A 49 -13.41 -13.48 -20.31
N ARG A 50 -13.48 -13.03 -19.06
CA ARG A 50 -12.27 -12.82 -18.30
C ARG A 50 -12.48 -13.06 -16.82
N GLU A 51 -11.40 -13.34 -16.09
CA GLU A 51 -11.43 -14.31 -15.01
C GLU A 51 -11.93 -13.26 -13.96
N GLY A 52 -12.84 -13.64 -13.05
CA GLY A 52 -13.35 -12.72 -12.04
C GLY A 52 -14.60 -11.91 -12.40
N ILE A 53 -15.05 -11.99 -13.65
CA ILE A 53 -16.37 -11.47 -13.99
C ILE A 53 -17.38 -12.11 -13.04
N GLU A 54 -18.23 -11.31 -12.46
CA GLU A 54 -19.18 -11.85 -11.52
C GLU A 54 -20.40 -12.60 -12.08
N THR A 55 -20.73 -13.72 -11.48
CA THR A 55 -21.53 -14.81 -12.07
C THR A 55 -22.49 -15.26 -10.91
N SER A 56 -22.10 -15.01 -9.64
CA SER A 56 -22.84 -15.57 -8.51
C SER A 56 -24.16 -14.85 -8.16
N TYR A 57 -25.25 -15.62 -8.18
CA TYR A 57 -26.56 -15.10 -7.76
C TYR A 57 -26.58 -14.59 -6.32
N LYS A 58 -25.69 -15.09 -5.46
CA LYS A 58 -25.58 -14.62 -4.10
C LYS A 58 -25.09 -13.19 -4.02
N HIS A 59 -24.48 -12.68 -5.10
CA HIS A 59 -23.99 -11.29 -5.10
C HIS A 59 -24.93 -10.31 -5.86
N VAL A 60 -26.04 -10.85 -6.38
CA VAL A 60 -26.97 -10.09 -7.21
C VAL A 60 -27.96 -9.29 -6.37
N LEU A 61 -28.14 -8.02 -6.70
CA LEU A 61 -29.10 -7.15 -5.98
C LEU A 61 -30.41 -6.87 -6.75
N THR A 62 -30.47 -7.31 -8.00
CA THR A 62 -31.61 -7.07 -8.86
C THR A 62 -32.95 -7.19 -8.17
N ASP A 63 -33.22 -8.33 -7.53
CA ASP A 63 -34.57 -8.55 -6.95
C ASP A 63 -34.89 -7.62 -5.77
N ARG A 64 -33.89 -7.32 -4.95
CA ARG A 64 -34.07 -6.37 -3.84
C ARG A 64 -34.29 -4.92 -4.33
N VAL A 65 -33.58 -4.52 -5.38
CA VAL A 65 -33.78 -3.21 -5.96
C VAL A 65 -35.20 -3.05 -6.49
N PHE A 66 -35.65 -4.03 -7.28
CA PHE A 66 -36.96 -3.94 -7.93
C PHE A 66 -38.06 -4.07 -6.90
N ARG A 67 -37.88 -4.94 -5.91
CA ARG A 67 -38.87 -5.03 -4.84
C ARG A 67 -39.00 -3.75 -4.00
N ARG A 68 -37.89 -3.14 -3.61
CA ARG A 68 -37.97 -1.88 -2.92
C ARG A 68 -38.65 -0.79 -3.70
N LEU A 69 -38.31 -0.65 -4.98
CA LEU A 69 -38.92 0.39 -5.79
C LEU A 69 -40.46 0.18 -5.86
N LYS A 70 -40.89 -1.08 -5.91
CA LYS A 70 -42.31 -1.40 -6.07
C LYS A 70 -43.00 -1.14 -4.74
N GLU A 71 -42.37 -1.54 -3.65
CA GLU A 71 -42.89 -1.28 -2.29
C GLU A 71 -43.01 0.23 -1.97
N LEU A 72 -42.26 1.07 -2.67
CA LEU A 72 -42.32 2.52 -2.51
C LEU A 72 -43.26 3.21 -3.51
N SER A 73 -43.91 2.43 -4.38
CA SER A 73 -44.76 2.93 -5.48
C SER A 73 -44.09 3.97 -6.37
N VAL A 74 -42.81 3.72 -6.66
CA VAL A 74 -42.08 4.56 -7.58
C VAL A 74 -42.76 4.55 -8.93
N GLN A 75 -42.98 5.73 -9.49
CA GLN A 75 -43.56 5.85 -10.84
C GLN A 75 -42.50 6.26 -11.86
N LYS A 76 -41.38 6.77 -11.34
CA LYS A 76 -40.47 7.62 -12.11
C LYS A 76 -39.18 7.77 -11.31
N LEU A 77 -38.03 7.73 -11.97
CA LEU A 77 -36.78 8.12 -11.31
C LEU A 77 -36.33 9.40 -11.96
N ASP A 78 -36.08 10.43 -11.17
CA ASP A 78 -35.58 11.71 -11.73
C ASP A 78 -34.18 11.55 -12.26
N PHE A 79 -33.35 10.79 -11.59
CA PHE A 79 -32.06 10.44 -12.17
C PHE A 79 -31.54 9.10 -11.65
N ILE A 80 -30.59 8.53 -12.39
CA ILE A 80 -29.75 7.42 -11.93
C ILE A 80 -28.34 7.97 -12.11
N LEU A 81 -27.61 8.06 -11.00
CA LEU A 81 -26.19 8.44 -11.04
C LEU A 81 -25.34 7.17 -10.94
N VAL A 82 -24.48 6.96 -11.93
CA VAL A 82 -23.59 5.79 -11.96
C VAL A 82 -22.19 6.21 -11.51
N THR A 83 -21.63 5.58 -10.47
CA THR A 83 -20.32 5.99 -9.96
C THR A 83 -19.14 5.56 -10.81
N HIS A 84 -19.23 4.38 -11.42
CA HIS A 84 -18.15 3.80 -12.22
C HIS A 84 -18.72 2.54 -12.88
N THR A 85 -17.98 1.88 -13.76
CA THR A 85 -18.52 0.83 -14.63
C THR A 85 -18.53 -0.60 -14.12
N HIS A 86 -18.02 -0.86 -12.91
CA HIS A 86 -18.07 -2.17 -12.33
C HIS A 86 -19.50 -2.65 -12.13
N SER A 87 -19.69 -3.92 -12.46
CA SER A 87 -20.99 -4.57 -12.55
C SER A 87 -21.82 -4.47 -11.27
N ASP A 88 -21.14 -4.47 -10.12
CA ASP A 88 -21.80 -4.35 -8.81
C ASP A 88 -22.28 -2.92 -8.48
N HIS A 89 -22.17 -2.03 -9.47
CA HIS A 89 -22.67 -0.65 -9.38
C HIS A 89 -23.59 -0.31 -10.56
N ILE A 90 -23.12 -0.60 -11.78
CA ILE A 90 -23.84 -0.25 -13.01
C ILE A 90 -24.81 -1.36 -13.44
N GLY A 91 -24.73 -2.49 -12.75
CA GLY A 91 -25.38 -3.70 -13.20
C GLY A 91 -26.85 -3.60 -13.57
N ASN A 92 -27.69 -2.97 -12.76
CA ASN A 92 -29.13 -2.94 -13.04
C ASN A 92 -29.62 -1.71 -13.82
N VAL A 93 -28.69 -0.94 -14.39
CA VAL A 93 -29.13 0.28 -15.06
C VAL A 93 -30.03 0.01 -16.27
N ASP A 94 -29.61 -0.87 -17.18
CA ASP A 94 -30.42 -1.16 -18.37
C ASP A 94 -31.79 -1.82 -18.03
N GLU A 95 -31.81 -2.66 -17.01
CA GLU A 95 -33.08 -3.21 -16.50
C GLU A 95 -33.99 -2.10 -15.98
N LEU A 96 -33.42 -1.11 -15.29
CA LEU A 96 -34.20 0.00 -14.77
C LEU A 96 -34.70 0.85 -15.93
N LEU A 97 -33.84 1.13 -16.89
CA LEU A 97 -34.23 1.96 -18.04
C LEU A 97 -35.37 1.35 -18.86
N SER A 98 -35.49 0.02 -18.78
CA SER A 98 -36.46 -0.79 -19.51
C SER A 98 -37.79 -0.93 -18.79
N THR A 99 -37.82 -0.48 -17.54
CA THR A 99 -38.96 -0.69 -16.65
C THR A 99 -39.60 0.63 -16.15
N TYR A 100 -38.75 1.60 -15.77
CA TYR A 100 -39.15 2.93 -15.23
C TYR A 100 -38.83 3.96 -16.34
N PRO A 101 -39.67 5.00 -16.56
CA PRO A 101 -39.21 6.36 -16.86
C PRO A 101 -38.10 6.93 -16.00
N VAL A 102 -37.09 7.45 -16.68
CA VAL A 102 -35.93 8.04 -16.06
C VAL A 102 -35.61 9.30 -16.82
N ASP A 103 -35.48 10.41 -16.11
CA ASP A 103 -35.27 11.66 -16.80
C ASP A 103 -33.86 12.04 -17.19
N ARG A 104 -32.84 11.59 -16.45
CA ARG A 104 -31.57 11.24 -17.06
C ARG A 104 -30.64 10.37 -16.26
N VAL A 105 -29.48 10.06 -16.86
CA VAL A 105 -28.43 9.27 -16.25
C VAL A 105 -27.12 10.04 -16.26
N TYR A 106 -26.40 10.06 -15.13
CA TYR A 106 -25.07 10.64 -15.04
C TYR A 106 -24.10 9.47 -15.21
N LEU A 107 -23.23 9.53 -16.22
CA LEU A 107 -22.34 8.43 -16.56
C LEU A 107 -21.07 9.02 -17.14
N LYS A 108 -19.99 9.04 -16.38
CA LYS A 108 -18.72 9.54 -16.92
C LYS A 108 -18.26 8.66 -18.07
N LYS A 109 -17.39 9.20 -18.92
CA LYS A 109 -16.89 8.44 -20.04
C LYS A 109 -15.99 7.31 -19.56
N TYR A 110 -16.04 6.17 -20.26
CA TYR A 110 -15.23 5.01 -19.97
C TYR A 110 -14.69 4.46 -21.28
N SER A 111 -13.44 3.96 -21.23
CA SER A 111 -12.95 3.04 -22.27
C SER A 111 -12.00 1.99 -21.67
N ASP A 112 -12.02 0.78 -22.22
CA ASP A 112 -11.08 -0.23 -21.78
C ASP A 112 -9.64 0.29 -21.90
N SER A 113 -9.39 1.11 -22.92
CA SER A 113 -8.03 1.55 -23.22
C SER A 113 -7.46 2.43 -22.10
N ARG A 114 -8.31 3.05 -21.29
CA ARG A 114 -7.80 3.93 -20.25
C ARG A 114 -7.42 3.17 -18.96
N ILE A 115 -7.80 1.90 -18.86
CA ILE A 115 -7.44 1.04 -17.72
C ILE A 115 -6.11 0.34 -18.07
N THR A 116 -5.09 0.49 -17.22
CA THR A 116 -3.75 0.01 -17.54
C THR A 116 -3.51 -1.46 -17.25
N ASN A 117 -4.50 -2.13 -16.68
CA ASN A 117 -4.36 -3.51 -16.26
C ASN A 117 -5.42 -4.35 -16.95
N SER A 118 -5.03 -5.24 -17.85
CA SER A 118 -5.99 -6.09 -18.58
C SER A 118 -6.86 -6.94 -17.67
N GLU A 119 -6.30 -7.28 -16.51
CA GLU A 119 -7.00 -8.12 -15.54
C GLU A 119 -7.99 -7.30 -14.71
N ARG A 120 -8.18 -6.02 -15.02
CA ARG A 120 -9.23 -5.24 -14.37
C ARG A 120 -10.26 -4.64 -15.36
N LEU A 121 -10.44 -5.32 -16.48
CA LEU A 121 -11.44 -4.95 -17.49
C LEU A 121 -12.77 -5.66 -17.27
N TRP A 122 -12.66 -6.88 -16.75
CA TRP A 122 -13.78 -7.74 -16.52
C TRP A 122 -14.91 -7.53 -17.57
N ASP A 123 -15.98 -7.04 -16.97
CA ASP A 123 -17.33 -6.83 -17.34
C ASP A 123 -17.66 -5.36 -17.66
N ASN A 124 -16.67 -4.51 -17.49
CA ASN A 124 -16.92 -3.07 -17.39
C ASN A 124 -17.62 -2.52 -18.65
N LEU A 125 -17.06 -2.85 -19.80
CA LEU A 125 -17.53 -2.30 -21.07
C LEU A 125 -18.93 -2.78 -21.37
N TYR A 126 -19.19 -4.05 -21.08
CA TYR A 126 -20.50 -4.64 -21.31
C TYR A 126 -21.58 -3.83 -20.56
N GLY A 127 -21.32 -3.55 -19.30
CA GLY A 127 -22.21 -2.72 -18.49
C GLY A 127 -22.39 -1.27 -18.97
N TYR A 128 -21.29 -0.62 -19.30
CA TYR A 128 -21.24 0.73 -19.86
C TYR A 128 -22.20 0.75 -21.06
N ASP A 129 -22.14 -0.27 -21.94
CA ASP A 129 -22.46 -0.13 -23.37
C ASP A 129 -23.99 -0.46 -23.20
N LYS A 130 -24.35 -1.33 -22.25
CA LYS A 130 -25.76 -1.55 -21.90
C LYS A 130 -26.47 -0.26 -21.50
N VAL A 131 -25.80 0.61 -20.78
CA VAL A 131 -26.42 1.87 -20.41
C VAL A 131 -26.62 2.73 -21.66
N LEU A 132 -25.58 2.89 -22.47
CA LEU A 132 -25.64 3.80 -23.61
C LEU A 132 -26.68 3.32 -24.64
N GLN A 133 -26.65 2.03 -24.94
CA GLN A 133 -27.54 1.47 -25.95
C GLN A 133 -28.99 1.51 -25.48
N THR A 134 -29.23 1.17 -24.22
CA THR A 134 -30.59 1.14 -23.69
C THR A 134 -31.16 2.56 -23.53
N ALA A 135 -30.34 3.50 -23.09
CA ALA A 135 -30.78 4.86 -22.98
C ALA A 135 -31.15 5.43 -24.35
N THR A 136 -30.39 5.09 -25.39
CA THR A 136 -30.71 5.52 -26.76
C THR A 136 -32.07 4.93 -27.21
N GLU A 137 -32.30 3.64 -26.97
CA GLU A 137 -33.58 3.00 -27.31
C GLU A 137 -34.79 3.65 -26.58
N THR A 138 -34.59 4.17 -25.37
CA THR A 138 -35.68 4.72 -24.57
C THR A 138 -35.73 6.24 -24.57
N GLY A 139 -34.79 6.88 -25.28
CA GLY A 139 -34.70 8.33 -25.29
C GLY A 139 -34.25 9.02 -24.01
N VAL A 140 -33.62 8.25 -23.12
CA VAL A 140 -33.20 8.81 -21.83
C VAL A 140 -31.89 9.53 -22.02
N SER A 141 -31.87 10.80 -21.62
CA SER A 141 -30.71 11.65 -21.75
C SER A 141 -29.57 11.13 -20.83
N VAL A 142 -28.38 11.03 -21.39
CA VAL A 142 -27.20 10.65 -20.64
C VAL A 142 -26.22 11.81 -20.58
N ILE A 143 -25.95 12.26 -19.36
CA ILE A 143 -24.96 13.32 -19.10
C ILE A 143 -23.60 12.71 -18.88
N GLN A 144 -22.74 12.78 -19.89
CA GLN A 144 -21.39 12.26 -19.75
C GLN A 144 -20.35 13.36 -19.62
N ASN A 145 -20.67 14.54 -20.13
CA ASN A 145 -19.78 15.71 -20.10
C ASN A 145 -20.37 16.69 -19.09
N ILE A 146 -20.08 16.43 -17.80
CA ILE A 146 -20.72 17.10 -16.67
C ILE A 146 -20.03 18.44 -16.41
N THR A 147 -20.76 19.54 -16.63
CA THR A 147 -20.22 20.86 -16.46
C THR A 147 -20.32 21.23 -15.01
N GLN A 148 -19.84 22.45 -14.73
CA GLN A 148 -19.54 22.82 -13.35
C GLN A 148 -20.62 23.06 -12.25
N GLY A 149 -21.90 22.81 -12.38
CA GLY A 149 -22.56 22.67 -13.65
C GLY A 149 -24.13 22.52 -13.50
N ASP A 150 -24.72 21.60 -14.27
CA ASP A 150 -24.55 20.11 -14.07
C ASP A 150 -24.18 19.60 -12.68
N ALA A 151 -23.05 19.96 -12.13
CA ALA A 151 -22.63 19.28 -10.91
C ALA A 151 -23.05 19.86 -9.58
N HIS A 152 -23.76 20.99 -9.54
CA HIS A 152 -24.78 21.28 -8.56
C HIS A 152 -26.23 21.42 -8.96
N PHE A 153 -27.10 20.76 -8.21
CA PHE A 153 -28.49 20.69 -8.57
C PHE A 153 -29.32 20.02 -7.52
N GLN A 154 -30.63 19.98 -7.71
CA GLN A 154 -31.64 20.23 -6.68
C GLN A 154 -32.44 18.94 -7.02
N PHE A 155 -32.80 18.19 -6.00
CA PHE A 155 -33.58 16.98 -6.17
C PHE A 155 -34.57 16.95 -5.03
N GLY A 156 -35.82 17.33 -5.31
CA GLY A 156 -36.80 17.54 -4.24
C GLY A 156 -36.27 18.57 -3.26
N ASP A 157 -36.29 18.23 -1.98
CA ASP A 157 -35.68 19.04 -0.93
C ASP A 157 -34.15 18.93 -0.86
N MET A 158 -33.57 17.99 -1.61
CA MET A 158 -32.14 17.72 -1.53
C MET A 158 -31.26 18.60 -2.44
N ASP A 159 -30.21 19.17 -1.84
CA ASP A 159 -29.16 19.87 -2.56
C ASP A 159 -28.03 18.87 -2.84
N ILE A 160 -27.66 18.70 -4.10
CA ILE A 160 -26.63 17.72 -4.48
C ILE A 160 -25.49 18.40 -5.18
N GLN A 161 -24.28 18.12 -4.70
CA GLN A 161 -23.02 18.61 -5.25
C GLN A 161 -22.14 17.44 -5.64
N LEU A 162 -21.66 17.43 -6.87
CA LEU A 162 -20.82 16.36 -7.35
C LEU A 162 -19.38 16.75 -7.26
N TYR A 163 -18.53 15.75 -7.14
CA TYR A 163 -17.09 15.90 -7.20
C TYR A 163 -16.47 14.78 -8.02
N ASN A 164 -15.22 14.98 -8.47
CA ASN A 164 -14.53 14.03 -9.36
C ASN A 164 -15.40 13.66 -10.58
N TYR A 165 -16.00 14.70 -11.16
CA TYR A 165 -16.99 14.53 -12.24
C TYR A 165 -16.47 14.77 -13.68
N GLU A 166 -15.26 15.31 -13.82
CA GLU A 166 -14.72 15.62 -15.15
C GLU A 166 -14.13 14.40 -15.84
N ASN A 167 -14.21 14.36 -17.17
CA ASN A 167 -13.47 13.38 -17.96
C ASN A 167 -12.11 14.01 -18.19
N GLU A 168 -11.09 13.46 -17.56
CA GLU A 168 -9.75 14.02 -17.61
C GLU A 168 -9.08 13.33 -18.79
N THR A 169 -8.43 14.14 -19.65
CA THR A 169 -7.80 13.70 -20.89
C THR A 169 -6.32 14.05 -20.98
N ASP A 170 -5.57 13.24 -21.74
CA ASP A 170 -4.20 13.55 -22.18
C ASP A 170 -4.28 14.43 -23.44
N SER A 171 -3.13 14.77 -24.01
CA SER A 171 -3.11 15.30 -25.38
C SER A 171 -2.58 14.11 -26.13
N SER A 172 -3.41 13.30 -26.79
CA SER A 172 -4.65 13.67 -27.50
C SER A 172 -5.93 13.83 -26.70
N GLY A 173 -6.14 12.96 -25.75
CA GLY A 173 -7.28 13.09 -24.88
C GLY A 173 -8.43 12.41 -25.52
N GLU A 174 -8.38 11.10 -25.70
CA GLU A 174 -7.96 10.06 -24.77
C GLU A 174 -7.98 10.33 -23.24
N LEU A 175 -8.92 9.63 -22.61
CA LEU A 175 -9.03 9.58 -21.19
C LEU A 175 -7.67 9.22 -20.57
N LYS A 176 -7.28 9.95 -19.53
CA LYS A 176 -6.05 9.66 -18.78
C LYS A 176 -6.05 8.23 -18.26
N LYS A 177 -4.87 7.63 -18.23
CA LYS A 177 -4.71 6.25 -17.80
C LYS A 177 -4.87 6.15 -16.31
N ILE A 178 -5.65 5.18 -15.87
CA ILE A 178 -5.78 4.88 -14.45
C ILE A 178 -5.65 3.39 -14.24
N TRP A 179 -5.41 2.98 -12.99
CA TRP A 179 -5.14 1.58 -12.71
C TRP A 179 -6.39 0.72 -12.65
N ASP A 180 -7.53 1.35 -12.41
CA ASP A 180 -8.79 0.67 -12.15
C ASP A 180 -9.90 1.70 -12.17
N ASP A 181 -11.07 1.33 -12.66
CA ASP A 181 -12.17 2.31 -12.72
C ASP A 181 -12.63 2.88 -11.36
N ASN A 182 -12.26 2.20 -10.27
CA ASN A 182 -12.55 2.72 -8.93
C ASN A 182 -12.08 4.16 -8.73
N SER A 183 -10.90 4.47 -9.27
CA SER A 183 -10.30 5.78 -9.11
C SER A 183 -11.11 6.87 -9.83
N ASN A 184 -11.93 6.46 -10.80
CA ASN A 184 -12.80 7.36 -11.54
C ASN A 184 -14.16 7.61 -10.84
N SER A 185 -14.36 7.10 -9.64
CA SER A 185 -15.69 7.11 -9.01
C SER A 185 -16.28 8.53 -8.88
N LEU A 186 -17.51 8.66 -9.37
CA LEU A 186 -18.27 9.91 -9.33
C LEU A 186 -18.88 10.07 -7.93
N ILE A 187 -18.50 11.16 -7.28
CA ILE A 187 -18.82 11.46 -5.90
C ILE A 187 -20.04 12.36 -5.83
N SER A 188 -20.94 12.09 -4.88
CA SER A 188 -22.11 12.91 -4.57
C SER A 188 -22.12 13.28 -3.12
N VAL A 189 -22.35 14.56 -2.83
CA VAL A 189 -22.65 15.00 -1.47
C VAL A 189 -24.08 15.56 -1.47
N VAL A 190 -24.90 14.99 -0.59
CA VAL A 190 -26.31 15.31 -0.49
C VAL A 190 -26.56 16.09 0.80
N LYS A 191 -27.24 17.23 0.71
CA LYS A 191 -27.49 18.09 1.84
C LYS A 191 -29.01 18.35 1.93
N VAL A 192 -29.58 18.02 3.08
CA VAL A 192 -30.99 18.26 3.37
C VAL A 192 -31.22 18.28 4.89
N ASN A 193 -32.08 19.20 5.36
CA ASN A 193 -32.42 19.31 6.79
C ASN A 193 -31.16 19.51 7.67
N GLY A 194 -30.20 20.26 7.15
CA GLY A 194 -28.99 20.58 7.88
C GLY A 194 -27.99 19.44 8.04
N LYS A 195 -28.21 18.35 7.29
CA LYS A 195 -27.34 17.18 7.33
C LYS A 195 -26.69 16.93 5.96
N LYS A 196 -25.55 16.26 5.99
CA LYS A 196 -24.73 16.04 4.81
C LYS A 196 -24.33 14.57 4.74
N ILE A 197 -24.46 14.01 3.54
CA ILE A 197 -24.24 12.61 3.28
C ILE A 197 -23.27 12.52 2.12
N TYR A 198 -22.18 11.80 2.33
CA TYR A 198 -21.17 11.55 1.30
C TYR A 198 -21.34 10.16 0.71
N LEU A 199 -21.40 10.13 -0.60
CA LEU A 199 -21.53 8.89 -1.39
C LEU A 199 -20.48 8.94 -2.48
N GLY A 200 -19.43 8.14 -2.32
CA GLY A 200 -18.29 8.15 -3.22
C GLY A 200 -17.97 6.85 -3.97
N GLY A 201 -18.95 5.98 -4.19
CA GLY A 201 -18.73 4.77 -4.99
C GLY A 201 -17.56 3.98 -4.42
N ASP A 202 -16.59 3.60 -5.26
CA ASP A 202 -15.41 2.83 -4.83
C ASP A 202 -14.15 3.70 -4.89
N LEU A 203 -14.31 4.99 -4.61
CA LEU A 203 -13.17 5.92 -4.59
C LEU A 203 -12.00 5.31 -3.85
N ASP A 204 -10.83 5.43 -4.45
CA ASP A 204 -9.59 5.04 -3.79
C ASP A 204 -8.56 6.18 -3.87
N ASN A 205 -7.43 6.00 -3.21
CA ASN A 205 -6.37 7.02 -3.20
C ASN A 205 -5.21 6.66 -4.11
N VAL A 206 -5.38 5.68 -4.98
CA VAL A 206 -4.27 5.24 -5.82
C VAL A 206 -3.75 6.34 -6.73
N HIS A 207 -4.65 7.19 -7.24
CA HIS A 207 -4.25 8.38 -7.99
C HIS A 207 -4.49 9.67 -7.20
N GLY A 208 -4.48 9.55 -5.87
CA GLY A 208 -4.57 10.73 -5.00
C GLY A 208 -5.95 11.32 -4.75
N ALA A 209 -7.02 10.62 -5.14
CA ALA A 209 -8.34 11.26 -5.07
C ALA A 209 -8.83 11.55 -3.61
N GLU A 210 -8.54 10.67 -2.66
CA GLU A 210 -8.91 10.95 -1.27
C GLU A 210 -8.11 12.16 -0.74
N ASP A 211 -6.81 12.21 -1.02
CA ASP A 211 -6.01 13.35 -0.58
C ASP A 211 -6.54 14.65 -1.14
N LYS A 212 -6.96 14.61 -2.40
CA LYS A 212 -7.45 15.78 -3.10
C LYS A 212 -8.86 16.16 -2.66
N TYR A 213 -9.79 15.21 -2.61
CA TYR A 213 -11.21 15.57 -2.36
C TYR A 213 -11.63 15.64 -0.88
N GLY A 214 -10.88 15.01 0.01
CA GLY A 214 -11.19 15.09 1.43
C GLY A 214 -11.39 16.54 1.89
N PRO A 215 -10.39 17.37 1.71
CA PRO A 215 -10.48 18.78 2.13
C PRO A 215 -11.54 19.59 1.37
N LEU A 216 -11.84 19.23 0.13
CA LEU A 216 -12.84 19.94 -0.64
C LEU A 216 -14.24 19.58 -0.20
N ILE A 217 -14.46 18.32 0.17
CA ILE A 217 -15.76 17.87 0.66
C ILE A 217 -15.99 18.43 2.09
N GLY A 218 -15.00 18.29 2.95
CA GLY A 218 -15.13 18.72 4.34
C GLY A 218 -16.07 17.86 5.16
N LYS A 219 -16.56 18.44 6.24
CA LYS A 219 -17.28 17.73 7.29
C LYS A 219 -18.64 17.23 6.79
N VAL A 220 -18.90 15.95 7.02
CA VAL A 220 -20.22 15.40 6.78
C VAL A 220 -20.74 14.67 8.00
N ASP A 221 -22.00 14.28 7.95
CA ASP A 221 -22.62 13.47 9.03
C ASP A 221 -22.57 11.95 8.78
N LEU A 222 -23.03 11.55 7.61
CA LEU A 222 -23.06 10.14 7.22
C LEU A 222 -22.14 9.92 6.03
N MET A 223 -21.25 8.94 6.15
CA MET A 223 -20.33 8.59 5.10
C MET A 223 -20.56 7.15 4.70
N LYS A 224 -20.87 6.96 3.43
CA LYS A 224 -20.79 5.61 2.87
C LYS A 224 -19.31 5.29 2.75
N PHE A 225 -18.89 4.14 3.29
CA PHE A 225 -17.50 3.71 3.22
C PHE A 225 -17.10 3.58 1.74
N ASN A 226 -15.89 3.97 1.39
CA ASN A 226 -15.44 3.79 0.00
C ASN A 226 -15.12 2.31 -0.25
N HIS A 227 -15.57 1.77 -1.38
CA HIS A 227 -15.16 0.46 -1.83
C HIS A 227 -15.47 -0.65 -0.80
N HIS A 228 -16.68 -0.57 -0.23
CA HIS A 228 -17.34 -1.64 0.53
C HIS A 228 -16.73 -1.92 1.94
N HIS A 229 -15.46 -2.30 1.95
CA HIS A 229 -14.73 -2.62 3.18
C HIS A 229 -13.20 -2.41 3.11
N ASP A 230 -12.66 -2.01 1.97
CA ASP A 230 -11.22 -1.98 1.83
C ASP A 230 -10.59 -0.86 2.63
N THR A 231 -9.57 -1.17 3.43
CA THR A 231 -8.75 -0.16 4.08
C THR A 231 -7.33 -0.10 3.54
N ASN A 232 -6.99 -0.94 2.58
CA ASN A 232 -5.64 -0.93 1.98
C ASN A 232 -5.38 0.33 1.12
N LYS A 233 -6.32 0.61 0.20
CA LYS A 233 -6.18 1.66 -0.80
C LYS A 233 -7.27 2.71 -0.76
N SER A 234 -8.24 2.48 0.13
CA SER A 234 -9.36 3.39 0.35
C SER A 234 -9.55 3.66 1.84
N ASN A 235 -10.39 4.66 2.14
CA ASN A 235 -10.74 5.05 3.53
C ASN A 235 -9.53 5.36 4.40
N THR A 236 -8.58 5.93 3.72
CA THR A 236 -7.40 6.57 4.25
C THR A 236 -7.80 7.43 5.52
N LYS A 237 -7.02 7.33 6.58
CA LYS A 237 -7.29 8.07 7.82
C LYS A 237 -7.40 9.59 7.62
N ASP A 238 -6.57 10.20 6.79
CA ASP A 238 -6.78 11.63 6.49
C ASP A 238 -8.14 11.88 5.86
N PHE A 239 -8.63 10.94 5.04
CA PHE A 239 -9.94 11.10 4.40
C PHE A 239 -11.08 11.02 5.45
N ILE A 240 -11.06 10.03 6.34
CA ILE A 240 -12.06 9.95 7.41
C ILE A 240 -12.01 11.18 8.32
N LYS A 241 -10.82 11.68 8.64
CA LYS A 241 -10.71 12.86 9.51
C LYS A 241 -11.16 14.14 8.84
N ASN A 242 -10.93 14.26 7.54
CA ASN A 242 -11.50 15.37 6.78
C ASN A 242 -13.01 15.35 6.84
N LEU A 243 -13.63 14.19 6.65
CA LEU A 243 -15.09 14.13 6.66
C LEU A 243 -15.66 14.06 8.07
N SER A 244 -14.88 13.51 9.01
CA SER A 244 -15.31 13.33 10.39
C SER A 244 -16.83 12.99 10.50
N PRO A 245 -17.26 11.88 9.92
CA PRO A 245 -18.66 11.50 9.97
C PRO A 245 -19.05 11.01 11.40
N SER A 246 -20.31 11.16 11.79
CA SER A 246 -20.79 10.47 13.00
C SER A 246 -21.17 9.01 12.73
N LEU A 247 -21.48 8.69 11.47
CA LEU A 247 -21.89 7.36 11.07
C LEU A 247 -21.28 6.94 9.73
N ILE A 248 -20.67 5.75 9.68
CA ILE A 248 -20.21 5.10 8.44
C ILE A 248 -21.15 3.92 8.10
N VAL A 249 -21.69 3.90 6.87
CA VAL A 249 -22.45 2.75 6.36
C VAL A 249 -21.60 2.03 5.34
N GLN A 250 -21.40 0.73 5.56
CA GLN A 250 -20.72 -0.13 4.60
C GLN A 250 -21.73 -0.93 3.78
N THR A 251 -21.58 -0.90 2.45
CA THR A 251 -22.37 -1.70 1.52
C THR A 251 -21.63 -3.01 1.30
N SER A 252 -21.62 -3.79 2.36
CA SER A 252 -20.80 -4.98 2.48
C SER A 252 -21.28 -5.80 3.68
N ASP A 253 -20.97 -7.10 3.66
CA ASP A 253 -21.20 -7.99 4.79
C ASP A 253 -19.90 -8.22 5.55
N SER A 254 -18.82 -7.61 5.08
CA SER A 254 -17.55 -7.69 5.77
C SER A 254 -17.25 -6.43 6.59
N LEU A 255 -16.61 -6.67 7.72
CA LEU A 255 -15.96 -5.61 8.48
C LEU A 255 -14.82 -4.99 7.62
N PRO A 256 -14.33 -3.81 8.00
CA PRO A 256 -13.13 -3.24 7.37
C PRO A 256 -12.02 -4.25 7.29
N TRP A 257 -11.38 -4.31 6.13
CA TRP A 257 -10.60 -5.46 5.72
C TRP A 257 -9.28 -5.06 5.06
N LYS A 258 -8.19 -5.63 5.59
CA LYS A 258 -6.82 -5.55 5.03
C LYS A 258 -6.10 -6.85 5.47
N ASN A 259 -5.96 -7.83 4.59
CA ASN A 259 -5.47 -9.19 4.98
C ASN A 259 -6.21 -9.74 6.17
N GLY A 260 -7.53 -9.75 6.10
CA GLY A 260 -8.33 -10.19 7.22
C GLY A 260 -8.92 -8.97 7.84
N VAL A 261 -9.67 -9.19 8.89
CA VAL A 261 -10.38 -8.11 9.53
C VAL A 261 -9.30 -7.13 9.99
N ASP A 262 -9.48 -5.84 9.67
CA ASP A 262 -8.56 -4.78 10.09
C ASP A 262 -9.04 -4.35 11.49
N SER A 263 -8.67 -5.11 12.51
CA SER A 263 -9.26 -4.88 13.83
C SER A 263 -8.79 -3.53 14.41
N GLU A 264 -7.52 -3.24 14.14
CA GLU A 264 -6.88 -1.96 14.42
C GLU A 264 -7.67 -0.77 13.87
N TYR A 265 -8.15 -0.90 12.62
CA TYR A 265 -8.96 0.17 12.03
C TYR A 265 -10.34 0.26 12.68
N VAL A 266 -10.97 -0.89 12.91
CA VAL A 266 -12.29 -0.90 13.58
C VAL A 266 -12.18 -0.22 14.97
N ASN A 267 -11.13 -0.57 15.71
CA ASN A 267 -10.84 0.03 17.03
C ASN A 267 -10.64 1.54 16.91
N TRP A 268 -9.89 1.96 15.88
CA TRP A 268 -9.62 3.38 15.65
C TRP A 268 -10.90 4.19 15.43
N LEU A 269 -11.86 3.63 14.70
CA LEU A 269 -13.13 4.30 14.51
C LEU A 269 -13.92 4.46 15.82
N LYS A 270 -13.99 3.41 16.61
CA LYS A 270 -14.64 3.46 17.93
C LYS A 270 -13.98 4.50 18.82
N GLU A 271 -12.65 4.53 18.86
CA GLU A 271 -11.90 5.51 19.67
C GLU A 271 -12.28 6.94 19.24
N ARG A 272 -12.60 7.16 17.95
CA ARG A 272 -12.98 8.48 17.45
C ARG A 272 -14.44 8.77 17.59
N GLY A 273 -15.22 7.81 18.10
CA GLY A 273 -16.66 8.02 18.28
C GLY A 273 -17.48 7.89 17.01
N ILE A 274 -16.95 7.22 15.99
CA ILE A 274 -17.64 7.02 14.72
C ILE A 274 -18.38 5.68 14.77
N GLU A 275 -19.70 5.74 14.71
CA GLU A 275 -20.55 4.56 14.54
C GLU A 275 -20.33 3.96 13.12
N ARG A 276 -20.46 2.64 13.01
CA ARG A 276 -20.24 1.91 11.76
C ARG A 276 -21.25 0.75 11.68
N ILE A 277 -22.04 0.74 10.60
CA ILE A 277 -22.98 -0.37 10.34
C ILE A 277 -22.83 -0.98 8.93
N ASN A 278 -23.13 -2.28 8.85
CA ASN A 278 -23.15 -3.04 7.61
C ASN A 278 -24.56 -3.13 7.02
N ALA A 279 -24.76 -2.63 5.81
CA ALA A 279 -25.99 -2.85 5.07
C ALA A 279 -25.99 -4.24 4.42
N ALA A 280 -26.18 -5.25 5.25
CA ALA A 280 -26.16 -6.66 4.87
C ALA A 280 -27.31 -7.28 5.63
N SER A 281 -28.10 -8.13 4.98
CA SER A 281 -29.29 -8.68 5.61
C SER A 281 -29.88 -9.85 4.79
N LYS A 282 -30.54 -10.79 5.50
CA LYS A 282 -31.40 -11.80 4.88
C LYS A 282 -32.88 -11.45 5.03
N ASP A 283 -33.18 -10.45 5.86
CA ASP A 283 -34.55 -10.13 6.29
C ASP A 283 -35.13 -8.90 5.62
N TYR A 284 -34.31 -7.90 5.32
CA TYR A 284 -34.78 -6.66 4.73
C TYR A 284 -34.02 -6.24 3.48
N ASP A 285 -34.76 -5.65 2.54
CA ASP A 285 -34.19 -5.21 1.29
C ASP A 285 -33.24 -4.03 1.41
N ALA A 286 -33.36 -3.22 2.48
CA ALA A 286 -32.52 -2.05 2.65
C ALA A 286 -32.34 -1.63 4.10
N THR A 287 -31.21 -0.94 4.36
CA THR A 287 -30.97 -0.17 5.57
C THR A 287 -31.40 1.27 5.22
N VAL A 288 -32.44 1.80 5.90
CA VAL A 288 -33.12 3.07 5.59
C VAL A 288 -32.77 3.99 6.75
N PHE A 289 -32.24 5.17 6.45
CA PHE A 289 -32.46 6.35 7.24
C PHE A 289 -33.39 7.45 6.89
N ASP A 290 -34.15 7.84 7.91
CA ASP A 290 -34.94 9.05 7.87
C ASP A 290 -34.01 10.19 8.22
N ILE A 291 -33.88 11.16 7.33
CA ILE A 291 -32.94 12.25 7.49
C ILE A 291 -33.70 13.46 8.06
N ARG A 292 -33.61 13.64 9.36
CA ARG A 292 -34.34 14.70 10.06
C ARG A 292 -33.39 15.78 10.58
N LYS A 293 -33.95 16.96 10.81
CA LYS A 293 -33.26 18.04 11.52
C LYS A 293 -32.56 17.56 12.82
N ASP A 294 -33.19 16.64 13.53
CA ASP A 294 -32.70 16.06 14.83
C ASP A 294 -31.62 15.01 14.74
N GLY A 295 -31.39 14.47 13.54
CA GLY A 295 -30.46 13.38 13.32
C GLY A 295 -31.04 12.32 12.39
N PHE A 296 -30.28 11.26 12.21
CA PHE A 296 -30.68 10.15 11.35
C PHE A 296 -31.40 9.11 12.22
N VAL A 297 -32.57 8.67 11.78
CA VAL A 297 -33.25 7.58 12.47
C VAL A 297 -33.25 6.37 11.55
N ASN A 298 -32.76 5.23 12.06
CA ASN A 298 -32.76 3.98 11.32
C ASN A 298 -34.18 3.42 11.28
N ILE A 299 -34.86 3.58 10.15
CA ILE A 299 -36.22 3.09 10.00
C ILE A 299 -36.33 1.83 9.13
N SER A 300 -35.29 0.99 9.14
CA SER A 300 -35.21 -0.21 8.31
C SER A 300 -36.42 -1.15 8.55
N THR A 301 -36.74 -1.37 9.83
CA THR A 301 -37.82 -2.30 10.23
C THR A 301 -39.24 -1.75 10.01
N SER A 302 -39.34 -0.51 9.56
CA SER A 302 -40.64 0.05 9.27
C SER A 302 -41.21 -0.39 7.87
N TYR A 303 -40.41 -1.13 7.10
CA TYR A 303 -40.84 -1.71 5.82
C TYR A 303 -41.14 -3.21 5.97
N LYS A 304 -41.89 -3.76 5.01
CA LYS A 304 -42.18 -5.19 5.01
C LYS A 304 -40.87 -5.97 4.80
N PRO A 305 -40.69 -7.06 5.53
CA PRO A 305 -39.55 -7.94 5.26
C PRO A 305 -39.65 -8.61 3.88
N ILE A 306 -38.53 -9.19 3.50
CA ILE A 306 -38.44 -10.07 2.35
C ILE A 306 -39.33 -11.29 2.67
N PRO A 307 -40.22 -11.68 1.77
CA PRO A 307 -40.91 -12.98 1.90
C PRO A 307 -40.00 -14.18 1.53
N SER A 308 -40.02 -15.41 2.07
CA SER A 308 -40.29 -15.86 3.47
C SER A 308 -41.45 -16.89 3.62
N GLU B 1 -1.17 0.05 -10.85
CA GLU B 1 -0.35 1.20 -10.31
C GLU B 1 -0.47 1.36 -8.77
N SER B 2 0.28 2.35 -8.27
CA SER B 2 0.14 2.98 -6.91
C SER B 2 1.30 4.03 -6.74
N SER B 3 2.56 3.63 -6.98
CA SER B 3 2.92 2.25 -7.35
C SER B 3 3.16 1.40 -6.10
N GLY B 4 3.26 2.03 -4.94
CA GLY B 4 3.48 1.29 -3.72
C GLY B 4 4.89 0.71 -3.65
N ASN B 5 5.89 1.51 -4.04
CA ASN B 5 7.28 1.09 -3.96
C ASN B 5 7.99 2.01 -2.99
N LYS B 6 8.38 1.46 -1.85
CA LYS B 6 8.99 2.19 -0.75
C LYS B 6 10.17 1.48 -0.13
N ILE B 7 11.09 2.28 0.40
CA ILE B 7 12.17 1.78 1.24
C ILE B 7 12.07 2.40 2.65
N HIS B 8 12.09 1.55 3.65
CA HIS B 8 12.07 1.93 5.04
C HIS B 8 13.45 1.64 5.67
N PHE B 9 14.23 2.66 5.96
CA PHE B 9 15.45 2.50 6.75
C PHE B 9 15.08 2.60 8.20
N ILE B 10 15.18 1.51 8.97
CA ILE B 10 14.82 1.58 10.39
C ILE B 10 15.77 2.56 11.04
N ASN B 11 15.24 3.53 11.81
CA ASN B 11 16.10 4.53 12.44
C ASN B 11 16.84 4.00 13.63
N VAL B 12 18.11 4.36 13.78
CA VAL B 12 18.79 4.12 15.03
C VAL B 12 18.34 5.14 16.10
N GLN B 13 18.56 4.80 17.37
CA GLN B 13 18.51 5.79 18.47
C GLN B 13 19.87 6.46 18.59
N GLU B 14 20.87 5.59 18.63
CA GLU B 14 22.26 5.95 18.80
C GLU B 14 23.11 4.94 18.07
N GLY B 15 24.29 5.39 17.64
CA GLY B 15 25.25 4.52 17.00
C GLY B 15 24.83 4.20 15.57
N GLY B 16 25.25 3.01 15.12
CA GLY B 16 25.06 2.55 13.76
C GLY B 16 24.54 1.14 13.68
N SER B 17 23.50 0.94 12.87
CA SER B 17 22.93 -0.39 12.66
C SER B 17 22.07 -0.38 11.42
N ASP B 18 22.04 -1.48 10.65
CA ASP B 18 21.25 -1.50 9.41
C ASP B 18 20.10 -2.47 9.55
N ALA B 19 18.89 -2.00 9.24
CA ALA B 19 17.74 -2.86 9.08
C ALA B 19 16.85 -2.16 8.09
N ILE B 20 16.62 -2.77 6.92
CA ILE B 20 15.93 -2.10 5.85
C ILE B 20 14.77 -2.97 5.35
N ILE B 21 13.58 -2.37 5.24
CA ILE B 21 12.39 -3.04 4.69
C ILE B 21 12.12 -2.49 3.30
N LEU B 22 12.14 -3.37 2.32
CA LEU B 22 11.76 -3.03 0.97
C LEU B 22 10.28 -3.38 0.85
N GLU B 23 9.54 -2.49 0.22
CA GLU B 23 8.11 -2.68 0.03
C GLU B 23 7.81 -2.47 -1.45
N SER B 24 7.13 -3.43 -2.08
CA SER B 24 6.77 -3.33 -3.49
C SER B 24 5.47 -4.02 -3.78
N ASN B 25 4.46 -3.25 -4.17
CA ASN B 25 3.16 -3.78 -4.56
C ASN B 25 2.65 -4.88 -3.61
N GLY B 26 2.64 -4.56 -2.32
CA GLY B 26 2.17 -5.48 -1.32
C GLY B 26 3.15 -6.58 -0.91
N HIS B 27 4.36 -6.61 -1.48
CA HIS B 27 5.38 -7.58 -1.06
C HIS B 27 6.36 -6.88 -0.11
N PHE B 28 6.91 -7.65 0.83
CA PHE B 28 7.87 -7.19 1.81
C PHE B 28 9.10 -8.09 1.91
N ALA B 29 10.25 -7.46 2.09
CA ALA B 29 11.52 -8.15 2.23
C ALA B 29 12.45 -7.28 3.05
N MET B 30 13.52 -7.86 3.58
CA MET B 30 14.47 -7.10 4.36
C MET B 30 15.90 -7.26 3.85
N VAL B 31 16.60 -6.14 3.89
CA VAL B 31 18.06 -6.09 3.73
C VAL B 31 18.62 -5.71 5.08
N ASP B 32 19.26 -6.69 5.72
CA ASP B 32 19.66 -6.63 7.11
C ASP B 32 18.46 -6.47 8.04
N THR B 33 18.72 -6.65 9.33
CA THR B 33 17.69 -6.79 10.34
C THR B 33 17.97 -6.10 11.66
N GLY B 34 19.08 -5.42 11.79
CA GLY B 34 19.37 -4.66 12.97
C GLY B 34 19.95 -5.47 14.13
N GLU B 35 20.51 -4.73 15.09
CA GLU B 35 21.00 -5.25 16.33
C GLU B 35 19.87 -5.79 17.19
N ASP B 36 20.18 -6.87 17.93
CA ASP B 36 19.26 -7.58 18.80
C ASP B 36 19.68 -7.53 20.24
N TYR B 37 18.73 -7.74 21.14
CA TYR B 37 18.99 -7.79 22.58
C TYR B 37 19.96 -8.90 22.96
N ASP B 38 19.82 -10.05 22.31
CA ASP B 38 20.63 -11.24 22.62
C ASP B 38 22.10 -11.03 22.27
N PHE B 39 22.96 -11.76 22.99
CA PHE B 39 24.38 -11.80 22.72
C PHE B 39 24.92 -12.98 23.53
N PRO B 40 26.03 -13.56 23.11
CA PRO B 40 26.59 -14.70 23.84
C PRO B 40 27.32 -14.21 25.07
N ASP B 41 27.22 -14.92 26.18
CA ASP B 41 27.89 -14.46 27.42
C ASP B 41 29.15 -15.24 27.74
N GLY B 42 29.52 -16.16 26.86
CA GLY B 42 30.70 -16.94 27.08
C GLY B 42 30.50 -18.21 27.86
N SER B 43 29.28 -18.51 28.31
CA SER B 43 28.97 -19.80 28.93
C SER B 43 29.08 -20.99 27.94
N ASP B 44 29.00 -20.72 26.64
CA ASP B 44 29.28 -21.71 25.58
C ASP B 44 30.60 -21.29 24.92
N SER B 45 31.63 -22.10 25.10
CA SER B 45 32.98 -21.74 24.69
C SER B 45 33.18 -21.70 23.16
N ARG B 46 32.21 -22.20 22.41
CA ARG B 46 32.18 -22.00 20.96
C ARG B 46 32.00 -20.51 20.62
N TYR B 47 31.33 -19.80 21.52
CA TYR B 47 31.06 -18.38 21.38
C TYR B 47 31.50 -17.67 22.62
N PRO B 48 32.80 -17.55 22.81
CA PRO B 48 33.32 -16.98 24.05
C PRO B 48 33.08 -15.49 24.14
N TRP B 49 33.15 -14.97 25.37
CA TRP B 49 33.04 -13.52 25.57
C TRP B 49 34.24 -12.84 24.93
N ARG B 50 34.00 -11.76 24.21
CA ARG B 50 35.10 -10.94 23.70
C ARG B 50 34.72 -9.48 23.64
N GLU B 51 35.71 -8.61 23.60
CA GLU B 51 35.65 -7.36 24.30
C GLU B 51 35.00 -6.65 23.07
N GLY B 52 33.99 -5.80 23.26
CA GLY B 52 33.34 -5.12 22.16
C GLY B 52 32.06 -5.72 21.65
N ILE B 53 31.73 -6.93 22.13
CA ILE B 53 30.43 -7.50 21.85
C ILE B 53 29.40 -6.53 22.37
N GLU B 54 28.36 -6.28 21.58
CA GLU B 54 27.39 -5.30 21.99
C GLU B 54 26.25 -5.79 22.89
N THR B 55 25.81 -4.95 23.83
CA THR B 55 25.31 -5.27 25.19
C THR B 55 24.30 -4.12 25.49
N SER B 56 24.52 -2.92 24.94
CA SER B 56 23.67 -1.75 25.20
C SER B 56 22.31 -1.77 24.52
N TYR B 57 21.27 -1.61 25.34
CA TYR B 57 19.91 -1.53 24.84
C TYR B 57 19.70 -0.31 23.91
N LYS B 58 20.50 0.73 24.06
CA LYS B 58 20.39 1.91 23.20
C LYS B 58 20.72 1.62 21.74
N HIS B 59 21.42 0.49 21.47
CA HIS B 59 21.84 0.15 20.11
C HIS B 59 20.98 -0.95 19.52
N VAL B 60 19.94 -1.38 20.23
CA VAL B 60 19.07 -2.48 19.77
C VAL B 60 17.93 -1.94 18.91
N LEU B 61 17.70 -2.58 17.77
CA LEU B 61 16.67 -2.21 16.82
C LEU B 61 15.45 -3.12 16.81
N THR B 62 15.54 -4.23 17.54
CA THR B 62 14.50 -5.23 17.59
C THR B 62 13.07 -4.69 17.71
N ASP B 63 12.82 -3.79 18.65
CA ASP B 63 11.47 -3.28 18.89
C ASP B 63 10.96 -2.46 17.70
N ARG B 64 11.85 -1.67 17.08
CA ARG B 64 11.47 -0.83 15.93
C ARG B 64 11.19 -1.67 14.70
N VAL B 65 12.02 -2.69 14.48
CA VAL B 65 11.82 -3.61 13.38
C VAL B 65 10.44 -4.25 13.48
N PHE B 66 10.15 -4.88 14.60
CA PHE B 66 8.88 -5.61 14.78
C PHE B 66 7.65 -4.68 14.78
N ARG B 67 7.77 -3.50 15.38
CA ARG B 67 6.67 -2.51 15.38
C ARG B 67 6.36 -2.07 13.95
N ARG B 68 7.39 -1.91 13.12
CA ARG B 68 7.17 -1.44 11.76
C ARG B 68 6.54 -2.52 10.88
N LEU B 69 7.02 -3.75 11.02
CA LEU B 69 6.41 -4.88 10.30
C LEU B 69 4.92 -5.06 10.68
N LYS B 70 4.61 -4.93 11.95
CA LYS B 70 3.21 -5.00 12.41
C LYS B 70 2.38 -3.83 11.85
N GLU B 71 2.92 -2.62 11.92
CA GLU B 71 2.27 -1.43 11.35
C GLU B 71 2.00 -1.55 9.85
N LEU B 72 2.89 -2.24 9.14
CA LEU B 72 2.68 -2.47 7.70
C LEU B 72 1.73 -3.66 7.41
N SER B 73 1.28 -4.35 8.44
CA SER B 73 0.47 -5.57 8.29
C SER B 73 1.17 -6.62 7.44
N VAL B 74 2.48 -6.79 7.65
CA VAL B 74 3.24 -7.80 6.92
C VAL B 74 2.72 -9.19 7.31
N GLN B 75 2.49 -10.02 6.30
CA GLN B 75 2.10 -11.44 6.46
C GLN B 75 3.26 -12.42 6.23
N LYS B 76 4.22 -12.03 5.40
CA LYS B 76 5.38 -12.88 5.14
C LYS B 76 6.49 -11.99 4.55
N LEU B 77 7.74 -12.38 4.75
CA LEU B 77 8.85 -11.78 4.02
C LEU B 77 9.27 -12.68 2.85
N ASP B 78 9.29 -12.12 1.64
CA ASP B 78 9.76 -12.86 0.48
C ASP B 78 11.23 -13.27 0.60
N PHE B 79 12.06 -12.44 1.22
CA PHE B 79 13.42 -12.82 1.56
C PHE B 79 13.98 -11.96 2.69
N ILE B 80 15.02 -12.46 3.32
CA ILE B 80 15.92 -11.63 4.12
C ILE B 80 17.29 -11.76 3.51
N LEU B 81 17.90 -10.63 3.18
CA LEU B 81 19.25 -10.63 2.69
C LEU B 81 20.16 -10.11 3.82
N VAL B 82 21.17 -10.90 4.18
CA VAL B 82 22.12 -10.53 5.20
C VAL B 82 23.42 -10.08 4.54
N THR B 83 23.89 -8.88 4.86
CA THR B 83 25.08 -8.38 4.17
C THR B 83 26.37 -8.96 4.76
N HIS B 84 26.40 -9.16 6.07
CA HIS B 84 27.49 -9.77 6.76
C HIS B 84 27.13 -10.18 8.18
N THR B 85 28.07 -10.78 8.92
CA THR B 85 27.72 -11.43 10.20
C THR B 85 27.74 -10.57 11.46
N HIS B 86 28.07 -9.29 11.34
CA HIS B 86 28.10 -8.44 12.54
C HIS B 86 26.71 -8.27 13.12
N SER B 87 26.67 -8.22 14.44
CA SER B 87 25.42 -8.25 15.19
C SER B 87 24.46 -7.15 14.78
N ASP B 88 25.01 -6.00 14.42
CA ASP B 88 24.17 -4.83 14.08
C ASP B 88 23.50 -4.90 12.71
N HIS B 89 23.71 -6.04 12.02
CA HIS B 89 23.11 -6.41 10.72
C HIS B 89 22.31 -7.73 10.75
N ILE B 90 22.92 -8.77 11.33
CA ILE B 90 22.34 -10.10 11.36
C ILE B 90 21.49 -10.35 12.61
N GLY B 91 21.56 -9.39 13.54
CA GLY B 91 20.99 -9.50 14.87
C GLY B 91 19.62 -10.12 14.98
N ASN B 92 18.65 -9.58 14.25
CA ASN B 92 17.27 -10.03 14.35
C ASN B 92 16.83 -11.15 13.42
N VAL B 93 17.74 -11.78 12.68
CA VAL B 93 17.33 -12.80 11.73
C VAL B 93 16.60 -13.99 12.38
N ASP B 94 17.15 -14.54 13.46
CA ASP B 94 16.50 -15.69 14.10
C ASP B 94 15.16 -15.32 14.73
N GLU B 95 15.08 -14.13 15.33
CA GLU B 95 13.80 -13.63 15.89
C GLU B 95 12.75 -13.54 14.79
N LEU B 96 13.16 -13.04 13.62
CA LEU B 96 12.23 -12.91 12.49
C LEU B 96 11.82 -14.27 11.91
N LEU B 97 12.77 -15.19 11.74
CA LEU B 97 12.44 -16.56 11.27
C LEU B 97 11.44 -17.31 12.17
N SER B 98 11.48 -17.00 13.46
CA SER B 98 10.60 -17.58 14.47
C SER B 98 9.23 -16.91 14.57
N THR B 99 9.05 -15.79 13.86
CA THR B 99 7.87 -14.92 13.94
C THR B 99 7.07 -14.84 12.63
N TYR B 100 7.75 -14.49 11.52
CA TYR B 100 7.19 -14.37 10.16
C TYR B 100 7.55 -15.66 9.39
N PRO B 101 6.65 -16.19 8.58
CA PRO B 101 6.97 -16.71 7.23
C PRO B 101 8.00 -15.97 6.42
N VAL B 102 9.04 -16.71 6.02
CA VAL B 102 10.13 -16.21 5.19
C VAL B 102 10.39 -17.24 4.11
N ASP B 103 10.38 -16.81 2.84
CA ASP B 103 10.59 -17.76 1.76
C ASP B 103 12.01 -18.08 1.35
N ARG B 104 12.96 -17.18 1.52
CA ARG B 104 14.32 -17.57 1.86
C ARG B 104 15.25 -16.52 2.47
N VAL B 105 16.50 -16.92 2.74
CA VAL B 105 17.53 -16.05 3.30
C VAL B 105 18.78 -16.10 2.44
N TYR B 106 19.31 -14.95 2.02
CA TYR B 106 20.63 -14.86 1.40
C TYR B 106 21.72 -14.65 2.48
N LEU B 107 22.68 -15.58 2.53
CA LEU B 107 23.71 -15.56 3.58
C LEU B 107 24.99 -16.18 3.09
N LYS B 108 25.98 -15.35 2.80
CA LYS B 108 27.24 -15.84 2.29
C LYS B 108 27.87 -16.68 3.39
N LYS B 109 28.86 -17.49 2.99
CA LYS B 109 29.59 -18.33 3.94
C LYS B 109 30.48 -17.46 4.85
N TYR B 110 30.58 -17.86 6.12
CA TYR B 110 31.40 -17.19 7.11
C TYR B 110 32.12 -18.23 7.92
N SER B 111 33.36 -17.93 8.28
CA SER B 111 34.06 -18.69 9.28
C SER B 111 34.97 -17.75 10.04
N ASP B 112 35.11 -17.98 11.35
CA ASP B 112 36.06 -17.20 12.14
C ASP B 112 37.44 -17.32 11.54
N SER B 113 37.76 -18.49 10.98
CA SER B 113 39.11 -18.75 10.48
C SER B 113 39.53 -17.83 9.32
N ARG B 114 38.55 -17.28 8.60
CA ARG B 114 38.82 -16.41 7.46
C ARG B 114 39.07 -14.94 7.86
N ILE B 115 38.78 -14.60 9.12
CA ILE B 115 39.07 -13.26 9.64
C ILE B 115 40.44 -13.26 10.28
N THR B 116 41.34 -12.41 9.81
CA THR B 116 42.74 -12.44 10.26
C THR B 116 43.01 -11.80 11.61
N ASN B 117 42.02 -11.16 12.21
CA ASN B 117 42.21 -10.43 13.44
C ASN B 117 41.27 -10.98 14.50
N SER B 118 41.81 -11.61 15.55
CA SER B 118 41.00 -12.24 16.62
C SER B 118 40.14 -11.24 17.36
N GLU B 119 40.63 -9.99 17.42
CA GLU B 119 39.88 -8.87 17.97
C GLU B 119 38.68 -8.42 17.14
N ARG B 120 38.43 -9.04 15.99
CA ARG B 120 37.26 -8.67 15.15
C ARG B 120 36.35 -9.87 14.90
N LEU B 121 36.35 -10.82 15.84
CA LEU B 121 35.46 -11.98 15.81
C LEU B 121 34.16 -11.77 16.58
N TRP B 122 34.28 -10.98 17.64
CA TRP B 122 33.20 -10.62 18.52
C TRP B 122 32.18 -11.74 18.68
N ASP B 123 31.04 -11.38 18.13
CA ASP B 123 29.76 -11.94 18.15
C ASP B 123 29.34 -12.69 16.84
N ASN B 124 30.22 -12.69 15.85
CA ASN B 124 29.83 -12.96 14.46
C ASN B 124 29.24 -14.34 14.26
N LEU B 125 29.93 -15.34 14.82
CA LEU B 125 29.63 -16.75 14.63
C LEU B 125 28.33 -17.09 15.28
N TYR B 126 28.14 -16.57 16.49
CA TYR B 126 26.89 -16.77 17.22
C TYR B 126 25.70 -16.36 16.37
N GLY B 127 25.77 -15.18 15.75
CA GLY B 127 24.71 -14.70 14.87
C GLY B 127 24.62 -15.50 13.57
N TYR B 128 25.74 -15.87 12.96
CA TYR B 128 25.73 -16.72 11.74
C TYR B 128 24.89 -17.95 12.09
N ASP B 129 25.14 -18.57 13.25
CA ASP B 129 24.98 -19.99 13.43
C ASP B 129 23.45 -19.94 13.82
N LYS B 130 23.04 -18.89 14.54
CA LYS B 130 21.61 -18.64 14.79
C LYS B 130 20.76 -18.59 13.52
N VAL B 131 21.27 -18.03 12.43
CA VAL B 131 20.52 -18.04 11.17
C VAL B 131 20.41 -19.49 10.64
N LEU B 132 21.53 -20.19 10.59
CA LEU B 132 21.53 -21.53 10.02
C LEU B 132 20.63 -22.52 10.81
N GLN B 133 20.77 -22.51 12.12
CA GLN B 133 20.01 -23.40 13.01
C GLN B 133 18.54 -23.05 13.01
N THR B 134 18.21 -21.77 13.08
CA THR B 134 16.80 -21.40 13.10
C THR B 134 16.12 -21.67 11.75
N ALA B 135 16.81 -21.45 10.65
CA ALA B 135 16.25 -21.69 9.36
C ALA B 135 16.02 -23.21 9.17
N THR B 136 16.89 -24.05 9.73
CA THR B 136 16.67 -25.50 9.70
C THR B 136 15.39 -25.90 10.47
N GLU B 137 15.26 -25.36 11.67
CA GLU B 137 14.12 -25.64 12.52
C GLU B 137 12.79 -25.20 11.86
N THR B 138 12.82 -24.08 11.14
CA THR B 138 11.60 -23.51 10.58
C THR B 138 11.45 -23.85 9.10
N GLY B 139 12.38 -24.65 8.55
CA GLY B 139 12.30 -25.08 7.17
C GLY B 139 12.47 -23.99 6.13
N VAL B 140 13.31 -22.98 6.43
CA VAL B 140 13.52 -21.88 5.49
C VAL B 140 14.82 -22.10 4.71
N SER B 141 14.74 -21.99 3.39
CA SER B 141 15.90 -22.13 2.51
C SER B 141 16.90 -20.99 2.73
N VAL B 142 18.17 -21.35 2.85
CA VAL B 142 19.24 -20.39 2.96
C VAL B 142 20.10 -20.57 1.74
N ILE B 143 20.19 -19.54 0.92
CA ILE B 143 21.08 -19.50 -0.24
C ILE B 143 22.46 -18.96 0.18
N GLN B 144 23.43 -19.86 0.29
CA GLN B 144 24.82 -19.47 0.62
C GLN B 144 25.77 -19.49 -0.57
N ASN B 145 25.50 -20.35 -1.54
CA ASN B 145 26.28 -20.45 -2.77
C ASN B 145 25.44 -19.78 -3.89
N ILE B 146 25.63 -18.46 -4.02
CA ILE B 146 24.75 -17.60 -4.82
C ILE B 146 25.26 -17.58 -6.25
N THR B 147 24.50 -18.19 -7.17
CA THR B 147 24.93 -18.28 -8.57
C THR B 147 24.70 -16.95 -9.23
N GLN B 148 25.09 -16.92 -10.51
CA GLN B 148 24.97 -15.72 -11.31
C GLN B 148 23.60 -15.03 -11.66
N GLY B 149 22.40 -15.62 -11.66
CA GLY B 149 21.97 -16.76 -10.92
C GLY B 149 20.58 -16.34 -10.45
N ASP B 150 20.09 -16.85 -9.35
CA ASP B 150 20.33 -16.31 -8.00
C ASP B 150 20.54 -14.78 -7.84
N ALA B 151 21.57 -14.18 -8.43
CA ALA B 151 21.93 -12.79 -8.16
C ALA B 151 21.36 -11.71 -9.05
N HIS B 152 20.60 -12.04 -10.09
CA HIS B 152 19.43 -11.28 -10.51
C HIS B 152 18.06 -11.87 -10.45
N PHE B 153 17.15 -11.13 -9.79
CA PHE B 153 15.81 -11.61 -9.55
C PHE B 153 14.89 -10.49 -9.12
N GLN B 154 13.60 -10.76 -8.94
CA GLN B 154 12.51 -9.84 -9.31
C GLN B 154 11.86 -9.90 -7.93
N PHE B 155 11.47 -8.75 -7.37
CA PHE B 155 10.80 -8.68 -6.06
C PHE B 155 9.70 -7.66 -6.24
N GLY B 156 8.45 -8.12 -6.39
CA GLY B 156 7.36 -7.23 -6.75
C GLY B 156 7.69 -6.55 -8.05
N ASP B 157 7.57 -5.23 -8.07
CA ASP B 157 8.03 -4.42 -9.21
C ASP B 157 9.54 -4.13 -9.23
N MET B 158 10.28 -4.48 -8.17
CA MET B 158 11.71 -4.14 -8.11
C MET B 158 12.59 -5.17 -8.79
N ASP B 159 13.55 -4.66 -9.54
CA ASP B 159 14.60 -5.49 -10.13
C ASP B 159 15.82 -5.41 -9.21
N ILE B 160 16.31 -6.55 -8.76
CA ILE B 160 17.43 -6.57 -7.84
C ILE B 160 18.63 -7.29 -8.44
N GLN B 161 19.78 -6.63 -8.37
CA GLN B 161 21.02 -7.21 -8.82
C GLN B 161 22.00 -7.20 -7.68
N LEU B 162 22.54 -8.36 -7.37
CA LEU B 162 23.58 -8.45 -6.37
C LEU B 162 24.98 -8.31 -6.93
N TYR B 163 25.87 -7.80 -6.08
CA TYR B 163 27.30 -7.73 -6.33
C TYR B 163 28.05 -8.26 -5.08
N ASN B 164 29.29 -8.71 -5.30
CA ASN B 164 30.11 -9.26 -4.22
C ASN B 164 29.36 -10.41 -3.50
N TYR B 165 28.77 -11.30 -4.28
CA TYR B 165 27.94 -12.38 -3.75
C TYR B 165 28.65 -13.74 -3.70
N GLU B 166 29.76 -13.89 -4.42
CA GLU B 166 30.50 -15.16 -4.45
C GLU B 166 31.29 -15.37 -3.18
N ASN B 167 31.39 -16.62 -2.77
CA ASN B 167 32.27 -17.02 -1.68
C ASN B 167 33.61 -17.20 -2.34
N GLU B 168 34.59 -16.35 -2.01
CA GLU B 168 35.91 -16.39 -2.65
C GLU B 168 36.79 -17.33 -1.83
N THR B 169 37.43 -18.29 -2.50
CA THR B 169 38.16 -19.38 -1.83
C THR B 169 39.62 -19.45 -2.32
N ASP B 170 40.52 -19.91 -1.44
CA ASP B 170 41.89 -20.30 -1.82
C ASP B 170 41.91 -21.72 -2.43
N SER B 171 43.10 -22.26 -2.68
CA SER B 171 43.26 -23.71 -2.83
C SER B 171 43.84 -24.07 -1.50
N SER B 172 43.08 -24.65 -0.56
CA SER B 172 41.93 -25.52 -0.79
C SER B 172 40.54 -24.92 -0.65
N GLY B 173 40.47 -23.63 -0.37
CA GLY B 173 39.19 -22.94 -0.30
C GLY B 173 38.17 -23.57 0.60
N GLU B 174 38.28 -23.45 1.91
CA GLU B 174 38.75 -22.30 2.68
C GLU B 174 38.57 -20.91 2.05
N LEU B 175 37.63 -20.21 2.67
CA LEU B 175 37.38 -18.81 2.39
C LEU B 175 38.69 -18.02 2.45
N LYS B 176 38.88 -17.15 1.47
CA LYS B 176 40.01 -16.22 1.42
C LYS B 176 40.05 -15.32 2.65
N LYS B 177 41.27 -15.10 3.16
CA LYS B 177 41.46 -14.30 4.38
C LYS B 177 41.12 -12.81 4.15
N ILE B 178 40.31 -12.21 5.04
CA ILE B 178 40.04 -10.76 5.02
C ILE B 178 40.23 -10.21 6.43
N TRP B 179 40.41 -8.91 6.55
CA TRP B 179 40.76 -8.30 7.84
C TRP B 179 39.57 -8.19 8.78
N ASP B 180 38.37 -8.24 8.20
CA ASP B 180 37.12 -7.95 8.88
C ASP B 180 35.97 -8.35 7.97
N ASP B 181 34.86 -8.81 8.55
CA ASP B 181 33.75 -9.26 7.74
C ASP B 181 33.06 -8.15 6.91
N ASN B 182 33.31 -6.88 7.23
CA ASN B 182 32.78 -5.76 6.47
C ASN B 182 33.15 -5.87 4.97
N SER B 183 34.36 -6.36 4.70
CA SER B 183 34.91 -6.46 3.35
C SER B 183 34.12 -7.51 2.55
N ASN B 184 33.47 -8.41 3.26
CA ASN B 184 32.62 -9.41 2.64
C ASN B 184 31.17 -8.99 2.36
N SER B 185 30.82 -7.72 2.57
CA SER B 185 29.42 -7.32 2.50
C SER B 185 28.76 -7.57 1.14
N LEU B 186 27.58 -8.18 1.20
CA LEU B 186 26.81 -8.54 0.05
C LEU B 186 26.04 -7.28 -0.37
N ILE B 187 26.29 -6.84 -1.60
CA ILE B 187 25.70 -5.63 -2.20
C ILE B 187 24.42 -5.96 -2.95
N SER B 188 23.42 -5.09 -2.81
CA SER B 188 22.17 -5.15 -3.54
C SER B 188 21.93 -3.82 -4.23
N VAL B 189 21.66 -3.84 -5.52
CA VAL B 189 21.21 -2.66 -6.27
C VAL B 189 19.75 -2.87 -6.68
N VAL B 190 18.88 -1.96 -6.24
CA VAL B 190 17.43 -2.11 -6.44
C VAL B 190 17.01 -1.05 -7.47
N LYS B 191 16.34 -1.51 -8.53
CA LYS B 191 15.85 -0.65 -9.61
C LYS B 191 14.32 -0.75 -9.72
N VAL B 192 13.64 0.39 -9.66
CA VAL B 192 12.21 0.44 -9.90
C VAL B 192 11.82 1.88 -10.27
N ASN B 193 10.79 2.03 -11.09
CA ASN B 193 10.29 3.34 -11.50
C ASN B 193 11.35 4.27 -12.08
N GLY B 194 12.32 3.68 -12.76
CA GLY B 194 13.44 4.42 -13.35
C GLY B 194 14.49 4.92 -12.35
N LYS B 195 14.43 4.45 -11.10
CA LYS B 195 15.36 4.89 -10.06
C LYS B 195 16.24 3.72 -9.57
N LYS B 196 17.47 4.01 -9.15
CA LYS B 196 18.37 2.97 -8.64
C LYS B 196 18.79 3.29 -7.22
N ILE B 197 18.75 2.27 -6.36
CA ILE B 197 19.17 2.38 -4.98
C ILE B 197 20.32 1.40 -4.72
N TYR B 198 21.42 1.90 -4.17
CA TYR B 198 22.57 1.06 -3.83
C TYR B 198 22.55 0.78 -2.33
N LEU B 199 22.66 -0.50 -1.97
CA LEU B 199 22.70 -0.95 -0.57
C LEU B 199 23.88 -1.89 -0.37
N GLY B 200 24.92 -1.43 0.31
CA GLY B 200 26.18 -2.17 0.39
C GLY B 200 26.68 -2.57 1.77
N GLY B 201 25.76 -2.66 2.73
CA GLY B 201 26.17 -3.14 4.04
C GLY B 201 27.30 -2.23 4.58
N ASP B 202 28.36 -2.86 5.10
CA ASP B 202 29.49 -2.16 5.62
C ASP B 202 30.72 -2.27 4.71
N LEU B 203 30.49 -2.23 3.40
CA LEU B 203 31.56 -2.37 2.42
C LEU B 203 32.66 -1.39 2.72
N ASP B 204 33.89 -1.88 2.63
CA ASP B 204 35.07 -1.04 2.73
C ASP B 204 36.01 -1.36 1.58
N ASN B 205 37.11 -0.62 1.53
CA ASN B 205 38.08 -0.70 0.43
C ASN B 205 39.40 -1.28 0.89
N VAL B 206 39.39 -1.95 2.05
CA VAL B 206 40.60 -2.51 2.57
C VAL B 206 41.21 -3.54 1.63
N HIS B 207 40.36 -4.34 0.97
CA HIS B 207 40.77 -5.33 -0.01
C HIS B 207 40.31 -4.94 -1.43
N GLY B 208 40.12 -3.64 -1.63
CA GLY B 208 39.85 -3.07 -2.94
C GLY B 208 38.41 -3.16 -3.45
N ALA B 209 37.44 -3.52 -2.58
CA ALA B 209 36.06 -3.72 -3.09
C ALA B 209 35.46 -2.42 -3.64
N GLU B 210 35.78 -1.24 -3.06
CA GLU B 210 35.14 -0.04 -3.58
C GLU B 210 35.76 0.30 -4.95
N ASP B 211 37.08 0.19 -5.07
CA ASP B 211 37.77 0.36 -6.36
C ASP B 211 37.23 -0.58 -7.45
N LYS B 212 36.90 -1.81 -7.10
CA LYS B 212 36.33 -2.80 -8.02
C LYS B 212 34.85 -2.54 -8.36
N TYR B 213 34.00 -2.44 -7.34
CA TYR B 213 32.55 -2.42 -7.57
C TYR B 213 32.01 -1.03 -7.97
N GLY B 214 32.73 0.04 -7.66
CA GLY B 214 32.33 1.34 -8.11
C GLY B 214 32.03 1.42 -9.61
N PRO B 215 33.03 1.12 -10.44
CA PRO B 215 32.80 1.09 -11.89
C PRO B 215 31.78 0.04 -12.34
N LEU B 216 31.65 -1.09 -11.64
CA LEU B 216 30.67 -2.11 -12.05
C LEU B 216 29.23 -1.72 -11.74
N ILE B 217 29.03 -0.98 -10.65
CA ILE B 217 27.69 -0.57 -10.23
C ILE B 217 27.28 0.65 -11.07
N GLY B 218 28.18 1.61 -11.19
CA GLY B 218 27.88 2.84 -11.89
C GLY B 218 26.87 3.74 -11.17
N LYS B 219 26.26 4.62 -11.97
CA LYS B 219 25.38 5.67 -11.50
C LYS B 219 24.11 5.12 -10.83
N VAL B 220 23.83 5.65 -9.66
CA VAL B 220 22.62 5.36 -8.92
C VAL B 220 22.02 6.69 -8.45
N ASP B 221 20.80 6.63 -7.93
CA ASP B 221 20.14 7.80 -7.36
C ASP B 221 20.27 7.93 -5.82
N LEU B 222 19.93 6.85 -5.11
CA LEU B 222 20.02 6.82 -3.65
C LEU B 222 21.13 5.83 -3.24
N MET B 223 22.11 6.32 -2.49
CA MET B 223 23.17 5.48 -1.95
C MET B 223 23.05 5.38 -0.44
N LYS B 224 22.93 4.17 0.09
CA LYS B 224 23.12 3.99 1.54
C LYS B 224 24.61 4.11 1.79
N PHE B 225 24.99 4.91 2.76
CA PHE B 225 26.40 5.15 3.05
C PHE B 225 26.98 3.83 3.54
N ASN B 226 28.20 3.50 3.11
CA ASN B 226 28.84 2.25 3.59
C ASN B 226 29.25 2.38 5.06
N HIS B 227 28.95 1.38 5.88
CA HIS B 227 29.52 1.28 7.22
C HIS B 227 29.14 2.52 8.05
N HIS B 228 27.86 2.93 7.95
CA HIS B 228 27.20 3.92 8.83
C HIS B 228 27.65 5.37 8.71
N HIS B 229 28.92 5.59 8.96
CA HIS B 229 29.50 6.92 8.93
C HIS B 229 30.99 6.97 8.64
N ASP B 230 31.69 5.84 8.41
CA ASP B 230 33.15 5.87 8.34
C ASP B 230 33.67 6.44 7.03
N THR B 231 34.64 7.35 7.09
CA THR B 231 35.36 7.77 5.90
C THR B 231 36.84 7.43 5.91
N ASN B 232 37.31 6.74 6.95
CA ASN B 232 38.69 6.25 7.00
C ASN B 232 38.95 5.21 5.94
N LYS B 233 38.06 4.21 5.85
CA LYS B 233 38.28 3.02 5.05
C LYS B 233 37.12 2.69 4.11
N SER B 234 36.00 3.42 4.23
CA SER B 234 34.86 3.29 3.34
C SER B 234 34.49 4.65 2.73
N ASN B 235 33.58 4.63 1.80
CA ASN B 235 33.05 5.88 1.16
C ASN B 235 34.13 6.80 0.59
N THR B 236 35.12 6.12 0.07
CA THR B 236 36.21 6.62 -0.70
C THR B 236 35.63 7.53 -1.83
N LYS B 237 36.30 8.63 -2.10
CA LYS B 237 35.74 9.61 -3.04
C LYS B 237 35.54 9.05 -4.45
N ASP B 238 36.41 8.14 -4.90
CA ASP B 238 36.22 7.50 -6.22
C ASP B 238 34.93 6.69 -6.25
N PHE B 239 34.62 6.02 -5.14
CA PHE B 239 33.34 5.27 -5.06
C PHE B 239 32.09 6.20 -5.18
N ILE B 240 32.08 7.28 -4.41
CA ILE B 240 31.01 8.26 -4.44
C ILE B 240 30.90 8.88 -5.84
N LYS B 241 32.02 9.12 -6.48
CA LYS B 241 32.00 9.71 -7.83
C LYS B 241 31.48 8.72 -8.88
N ASN B 242 31.80 7.42 -8.72
CA ASN B 242 31.29 6.40 -9.62
C ASN B 242 29.77 6.26 -9.48
N LEU B 243 29.25 6.29 -8.24
CA LEU B 243 27.82 6.11 -8.07
C LEU B 243 27.06 7.42 -8.32
N SER B 244 27.73 8.55 -8.08
CA SER B 244 27.17 9.89 -8.22
C SER B 244 25.69 10.03 -7.77
N PRO B 245 25.42 9.69 -6.53
CA PRO B 245 24.04 9.70 -6.04
C PRO B 245 23.57 11.14 -5.83
N SER B 246 22.26 11.35 -5.92
CA SER B 246 21.68 12.61 -5.54
C SER B 246 21.36 12.64 -4.03
N LEU B 247 21.31 11.47 -3.40
CA LEU B 247 20.96 11.37 -1.99
C LEU B 247 21.75 10.23 -1.32
N ILE B 248 22.41 10.54 -0.21
CA ILE B 248 23.05 9.55 0.66
C ILE B 248 22.24 9.45 1.97
N VAL B 249 21.92 8.23 2.37
CA VAL B 249 21.27 7.95 3.65
C VAL B 249 22.28 7.22 4.53
N GLN B 250 22.53 7.76 5.72
CA GLN B 250 23.40 7.16 6.72
C GLN B 250 22.54 6.45 7.75
N THR B 251 22.86 5.18 8.00
CA THR B 251 22.22 4.39 9.06
C THR B 251 23.01 4.61 10.33
N SER B 252 22.96 5.84 10.81
CA SER B 252 23.80 6.31 11.90
C SER B 252 23.25 7.65 12.42
N ASP B 253 23.51 7.93 13.69
CA ASP B 253 23.30 9.28 14.22
C ASP B 253 24.54 10.14 14.12
N SER B 254 25.64 9.63 13.57
CA SER B 254 26.84 10.43 13.36
C SER B 254 26.99 11.02 11.93
N LEU B 255 27.60 12.20 11.88
CA LEU B 255 28.03 12.75 10.60
C LEU B 255 29.17 11.86 10.13
N PRO B 256 29.49 11.92 8.84
CA PRO B 256 30.70 11.25 8.33
C PRO B 256 31.91 11.52 9.23
N TRP B 257 32.74 10.51 9.46
CA TRP B 257 33.65 10.51 10.60
C TRP B 257 34.99 9.91 10.23
N LYS B 258 36.04 10.68 10.49
CA LYS B 258 37.41 10.29 10.23
C LYS B 258 38.13 10.29 11.58
N ASN B 259 38.65 11.44 12.01
CA ASN B 259 39.18 11.66 13.38
C ASN B 259 38.30 12.72 14.05
N GLY B 260 37.11 12.30 14.45
CA GLY B 260 36.05 13.25 14.69
C GLY B 260 35.35 13.56 13.38
N VAL B 261 34.37 14.47 13.43
CA VAL B 261 33.55 14.74 12.28
C VAL B 261 34.47 15.08 11.14
N ASP B 262 34.29 14.44 10.00
CA ASP B 262 35.06 14.71 8.81
C ASP B 262 34.45 15.92 8.09
N SER B 263 34.77 17.11 8.58
CA SER B 263 34.08 18.32 8.11
C SER B 263 34.42 18.65 6.66
N GLU B 264 35.62 18.29 6.23
CA GLU B 264 36.02 18.46 4.83
C GLU B 264 35.14 17.63 3.88
N TYR B 265 34.85 16.41 4.28
CA TYR B 265 34.06 15.46 3.49
C TYR B 265 32.61 15.90 3.42
N VAL B 266 32.07 16.32 4.57
CA VAL B 266 30.72 16.88 4.67
C VAL B 266 30.57 18.02 3.67
N ASN B 267 31.53 18.96 3.69
CA ASN B 267 31.57 20.06 2.74
C ASN B 267 31.73 19.61 1.27
N TRP B 268 32.61 18.65 1.00
CA TRP B 268 32.79 18.07 -0.33
C TRP B 268 31.46 17.55 -0.91
N LEU B 269 30.68 16.82 -0.10
CA LEU B 269 29.37 16.36 -0.57
C LEU B 269 28.46 17.55 -0.92
N LYS B 270 28.37 18.54 -0.05
CA LYS B 270 27.54 19.72 -0.31
C LYS B 270 27.99 20.47 -1.61
N GLU B 271 29.29 20.65 -1.78
CA GLU B 271 29.87 21.26 -2.98
C GLU B 271 29.46 20.50 -4.24
N ARG B 272 29.25 19.18 -4.13
CA ARG B 272 28.84 18.34 -5.27
C ARG B 272 27.32 18.25 -5.48
N GLY B 273 26.55 18.89 -4.59
CA GLY B 273 25.11 18.85 -4.70
C GLY B 273 24.46 17.56 -4.22
N ILE B 274 25.16 16.80 -3.38
CA ILE B 274 24.69 15.50 -2.91
C ILE B 274 24.05 15.74 -1.56
N GLU B 275 22.74 15.53 -1.48
CA GLU B 275 21.98 15.61 -0.23
C GLU B 275 22.36 14.44 0.70
N ARG B 276 22.32 14.65 2.01
CA ARG B 276 22.77 13.64 2.98
C ARG B 276 21.87 13.70 4.21
N ILE B 277 21.33 12.56 4.62
CA ILE B 277 20.49 12.54 5.79
C ILE B 277 20.79 11.32 6.70
N ASN B 278 20.66 11.53 8.01
CA ASN B 278 20.84 10.53 9.05
C ASN B 278 19.52 9.87 9.43
N ALA B 279 19.45 8.55 9.26
CA ALA B 279 18.28 7.77 9.67
C ALA B 279 18.42 7.48 11.15
N ALA B 280 18.06 8.48 11.93
CA ALA B 280 18.23 8.48 13.39
C ALA B 280 17.09 9.29 14.00
N SER B 281 16.52 8.85 15.10
CA SER B 281 15.24 9.44 15.53
C SER B 281 14.83 8.84 16.87
N LYS B 282 14.13 9.65 17.64
CA LYS B 282 13.42 9.18 18.83
C LYS B 282 11.92 9.21 18.58
N ASP B 283 11.50 9.66 17.41
CA ASP B 283 10.10 9.94 17.14
C ASP B 283 9.40 8.95 16.18
N TYR B 284 10.12 8.45 15.18
CA TYR B 284 9.54 7.50 14.21
C TYR B 284 10.47 6.31 14.03
N ASP B 285 9.88 5.14 13.69
CA ASP B 285 10.65 3.91 13.60
C ASP B 285 11.57 3.86 12.39
N ALA B 286 11.26 4.65 11.36
CA ALA B 286 12.06 4.63 10.14
C ALA B 286 12.00 5.91 9.33
N THR B 287 13.08 6.09 8.58
CA THR B 287 13.15 7.08 7.52
C THR B 287 12.67 6.37 6.24
N VAL B 288 11.54 6.82 5.66
CA VAL B 288 10.85 6.13 4.54
C VAL B 288 11.00 7.08 3.36
N PHE B 289 11.49 6.60 2.24
CA PHE B 289 11.05 7.06 0.95
C PHE B 289 10.13 6.30 0.05
N ASP B 290 9.24 7.08 -0.53
CA ASP B 290 8.37 6.67 -1.62
C ASP B 290 9.16 6.83 -2.90
N ILE B 291 9.27 5.75 -3.66
CA ILE B 291 10.11 5.71 -4.84
C ILE B 291 9.24 5.94 -6.07
N ARG B 292 9.17 7.18 -6.54
CA ARG B 292 8.31 7.53 -7.64
C ARG B 292 9.12 7.85 -8.90
N LYS B 293 8.42 7.81 -10.03
CA LYS B 293 9.00 8.21 -11.32
C LYS B 293 9.61 9.64 -11.29
N ASP B 294 9.04 10.54 -10.49
CA ASP B 294 9.50 11.95 -10.41
C ASP B 294 10.54 12.23 -9.32
N GLY B 295 10.87 11.22 -8.53
CA GLY B 295 11.85 11.37 -7.47
C GLY B 295 11.47 10.63 -6.21
N PHE B 296 12.39 10.62 -5.26
CA PHE B 296 12.15 10.09 -3.94
C PHE B 296 11.43 11.17 -3.12
N VAL B 297 10.44 10.75 -2.34
CA VAL B 297 9.71 11.66 -1.45
C VAL B 297 9.84 11.09 -0.03
N ASN B 298 10.31 11.92 0.89
CA ASN B 298 10.44 11.57 2.29
C ASN B 298 9.05 11.52 2.94
N ILE B 299 8.52 10.31 3.16
CA ILE B 299 7.22 10.16 3.81
C ILE B 299 7.32 9.62 5.23
N SER B 300 8.43 9.86 5.92
CA SER B 300 8.68 9.29 7.25
C SER B 300 7.56 9.63 8.27
N THR B 301 7.10 10.89 8.23
CA THR B 301 6.17 11.39 9.26
C THR B 301 4.74 10.96 8.99
N SER B 302 4.51 10.31 7.86
CA SER B 302 3.16 9.83 7.60
C SER B 302 2.84 8.47 8.29
N TYR B 303 3.79 7.95 9.07
CA TYR B 303 3.60 6.73 9.84
C TYR B 303 3.30 7.10 11.30
N LYS B 304 2.88 6.11 12.09
CA LYS B 304 2.53 6.35 13.48
C LYS B 304 3.78 6.64 14.28
N PRO B 305 3.76 7.71 15.07
CA PRO B 305 4.94 8.02 15.87
C PRO B 305 5.13 6.95 16.92
N ILE B 306 6.36 6.84 17.39
CA ILE B 306 6.68 5.92 18.44
C ILE B 306 5.96 6.38 19.72
N PRO B 307 5.18 5.49 20.33
CA PRO B 307 4.67 5.73 21.69
C PRO B 307 5.72 5.20 22.68
N SER B 308 5.72 5.58 23.95
CA SER B 308 4.81 6.53 24.56
C SER B 308 5.71 7.57 25.28
FE FE C . -15.41 -1.03 -8.15
FE FE D . -17.73 -2.19 -5.94
CA CA E . -27.80 -5.29 -16.61
CA CA F . -23.74 -9.02 -13.53
P1 PC G . -14.65 -3.72 -6.58
O1 PC G . -15.98 -3.53 -5.66
O3 PC G . -13.62 -4.45 -5.73
O4 PC G . -14.04 -2.48 -7.30
O2 PC G . -15.09 -4.69 -7.83
C1 PC G . -14.89 -6.09 -7.82
C2 PC G . -14.61 -6.65 -9.22
N1 PC G . -15.76 -6.89 -10.15
C3 PC G . -17.08 -6.99 -9.44
C4 PC G . -15.89 -5.81 -11.18
C5 PC G . -15.46 -8.17 -10.87
C1 MPD H . -14.18 -11.54 2.85
C2 MPD H . -13.62 -10.50 1.87
O2 MPD H . -14.46 -10.46 0.70
CM MPD H . -13.63 -9.12 2.54
C3 MPD H . -12.20 -10.82 1.36
C4 MPD H . -12.16 -11.84 0.22
O4 MPD H . -10.88 -11.75 -0.37
C5 MPD H . -12.41 -13.29 0.69
C1 MPD I . -45.69 0.82 -14.68
C2 MPD I . -44.77 1.30 -13.57
O2 MPD I . -43.63 1.94 -14.21
CM MPD I . -45.42 2.39 -12.72
C3 MPD I . -44.29 0.18 -12.63
C4 MPD I . -43.50 -0.97 -13.27
O4 MPD I . -42.74 -1.60 -12.26
C5 MPD I . -44.37 -2.07 -13.92
C1 MPD J . -36.59 -6.94 -15.60
C2 MPD J . -36.52 -7.87 -14.37
O2 MPD J . -37.26 -9.09 -14.63
CM MPD J . -35.06 -8.25 -14.11
C3 MPD J . -37.11 -7.22 -13.12
C4 MPD J . -38.65 -7.19 -13.07
O4 MPD J . -39.06 -7.20 -11.71
C5 MPD J . -39.28 -5.99 -13.80
C1 MPD K . -39.83 2.64 -19.27
C2 MPD K . -40.55 2.60 -20.62
O2 MPD K . -41.68 1.68 -20.45
CM MPD K . -41.12 3.99 -20.96
C3 MPD K . -39.64 2.00 -21.70
C4 MPD K . -39.91 2.36 -23.18
O4 MPD K . -39.03 1.58 -23.98
C5 MPD K . -41.35 2.14 -23.69
C1 MPD L . -16.17 -19.48 -18.81
C2 MPD L . -16.93 -19.85 -20.09
O2 MPD L . -17.62 -18.67 -20.55
CM MPD L . -15.96 -20.31 -21.19
C3 MPD L . -17.97 -20.93 -19.75
C4 MPD L . -19.08 -21.12 -20.80
O4 MPD L . -18.57 -21.77 -21.94
C5 MPD L . -20.25 -21.94 -20.23
C1 MPD M . -34.62 -17.61 -10.46
C2 MPD M . -34.01 -16.21 -10.29
O2 MPD M . -35.10 -15.26 -10.18
CM MPD M . -33.21 -16.13 -8.98
C3 MPD M . -33.10 -15.86 -11.50
C4 MPD M . -33.77 -15.21 -12.72
O4 MPD M . -32.77 -14.99 -13.72
C5 MPD M . -34.94 -15.98 -13.36
FE FE N . 30.15 -4.37 10.16
FE FE O . 27.62 -2.22 10.98
CA CA P . 23.03 -8.48 19.89
CA CA Q . 19.13 -12.77 17.33
P1 PC R . 30.83 -2.11 12.41
O1 PC R . 31.86 -1.04 12.70
O3 PC R . 31.42 -3.00 11.26
O4 PC R . 29.38 -1.35 12.24
O2 PC R . 30.64 -3.16 13.65
C1 PC R . 31.14 -2.80 14.94
C2 PC R . 31.48 -4.03 15.84
N1 PC R . 30.39 -4.91 16.38
C3 PC R . 29.05 -4.26 16.44
C4 PC R . 30.28 -6.14 15.55
C5 PC R . 30.77 -5.33 17.76
C1 MPD S . 31.06 8.94 17.08
C2 MPD S . 31.71 7.56 16.93
O2 MPD S . 31.02 6.68 17.85
CM MPD S . 31.51 7.03 15.52
C3 MPD S . 33.23 7.57 17.25
C4 MPD S . 33.67 7.21 18.67
O4 MPD S . 35.08 7.00 18.68
C5 MPD S . 33.31 8.29 19.70
C1 MPD T . 0.44 -13.54 11.83
C2 MPD T . 1.96 -13.35 11.88
O2 MPD T . 2.47 -14.42 12.72
CM MPD T . 2.58 -13.55 10.49
C3 MPD T . 2.39 -11.99 12.47
C4 MPD T . 2.62 -12.01 13.99
O4 MPD T . 3.47 -10.94 14.38
C5 MPD T . 1.31 -11.91 14.77
C1 MPD U . 7.27 -20.69 12.73
C2 MPD U . 6.37 -19.86 11.78
O2 MPD U . 5.15 -19.64 12.53
CM MPD U . 7.01 -18.49 11.51
C3 MPD U . 5.91 -20.53 10.47
C4 MPD U . 6.90 -21.13 9.46
O4 MPD U . 7.88 -20.19 8.99
C5 MPD U . 7.59 -22.43 9.95
C1 MPD V . 7.57 -10.26 20.73
C2 MPD V . 8.45 -10.43 19.47
O2 MPD V . 7.59 -11.05 18.47
CM MPD V . 8.83 -9.07 18.87
C3 MPD V . 9.67 -11.38 19.64
C4 MPD V . 10.75 -10.99 20.66
O4 MPD V . 11.12 -9.61 20.57
C5 MPD V . 10.39 -11.32 22.11
C1 MPD W . 28.87 -8.39 29.82
C2 MPD W . 29.39 -9.70 30.41
O2 MPD W . 29.15 -9.64 31.84
CM MPD W . 28.62 -10.90 29.84
C3 MPD W . 30.91 -9.82 30.20
C4 MPD W . 31.71 -10.93 30.93
O4 MPD W . 31.36 -10.97 32.31
C5 MPD W . 31.59 -12.36 30.37
#